data_1Q1V
#
_entry.id   1Q1V
#
_cell.length_a   1.000
_cell.length_b   1.000
_cell.length_c   1.000
_cell.angle_alpha   90.00
_cell.angle_beta   90.00
_cell.angle_gamma   90.00
#
_symmetry.space_group_name_H-M   'P 1'
#
_entity_poly.entity_id   1
_entity_poly.type   'polypeptide(L)'
_entity_poly.pdbx_seq_one_letter_code
;DEPLIKKLKKPPTDEELKETIKKLLASANLEEVTMKQICKKVYENYPTYDLTERKDFIKTTVKELISLEH
;
_entity_poly.pdbx_strand_id   A
#
# COMPACT_ATOMS: atom_id res chain seq x y z
N ASP A 1 6.34 4.27 34.39
CA ASP A 1 6.65 3.41 33.21
C ASP A 1 6.70 1.94 33.64
N GLU A 2 6.14 1.06 32.85
CA GLU A 2 6.17 -0.39 33.22
C GLU A 2 5.50 -1.23 32.13
N PRO A 3 4.24 -0.95 31.88
CA PRO A 3 3.48 -1.70 30.85
C PRO A 3 3.96 -1.33 29.44
N LEU A 4 4.47 -0.14 29.27
CA LEU A 4 4.96 0.28 27.92
C LEU A 4 6.18 -0.54 27.51
N ILE A 5 6.05 -1.33 26.48
CA ILE A 5 7.21 -2.15 26.02
C ILE A 5 7.32 -2.13 24.50
N LYS A 6 6.27 -2.50 23.81
CA LYS A 6 6.32 -2.49 22.31
C LYS A 6 7.42 -3.43 21.82
N LYS A 7 7.06 -4.58 21.33
CA LYS A 7 8.09 -5.54 20.84
C LYS A 7 7.82 -5.89 19.38
N LEU A 8 6.60 -5.73 18.93
CA LEU A 8 6.28 -6.05 17.50
C LEU A 8 6.47 -4.81 16.62
N LYS A 9 7.26 -4.94 15.59
CA LYS A 9 7.50 -3.78 14.68
C LYS A 9 8.11 -4.25 13.36
N LYS A 10 7.33 -4.93 12.54
CA LYS A 10 7.88 -5.42 11.24
C LYS A 10 6.96 -5.00 10.09
N PRO A 11 7.52 -4.98 8.91
CA PRO A 11 6.75 -4.59 7.70
C PRO A 11 5.76 -5.71 7.31
N PRO A 12 4.62 -5.29 6.85
CA PRO A 12 3.57 -6.26 6.43
C PRO A 12 3.94 -6.91 5.10
N THR A 13 3.96 -8.22 5.05
CA THR A 13 4.32 -8.91 3.78
C THR A 13 3.43 -8.42 2.63
N ASP A 14 3.84 -8.65 1.41
CA ASP A 14 3.02 -8.19 0.25
C ASP A 14 1.56 -8.65 0.43
N GLU A 15 1.35 -9.82 0.96
CA GLU A 15 -0.05 -10.31 1.16
C GLU A 15 -0.84 -9.28 1.97
N GLU A 16 -0.22 -8.68 2.95
CA GLU A 16 -0.94 -7.66 3.77
C GLU A 16 -1.03 -6.33 3.00
N LEU A 17 0.08 -5.82 2.56
CA LEU A 17 0.07 -4.53 1.82
C LEU A 17 -1.00 -4.60 0.71
N LYS A 18 -0.86 -5.52 -0.20
CA LYS A 18 -1.87 -5.64 -1.30
C LYS A 18 -3.28 -5.66 -0.71
N GLU A 19 -3.50 -6.44 0.31
CA GLU A 19 -4.85 -6.51 0.92
C GLU A 19 -5.34 -5.09 1.24
N THR A 20 -4.54 -4.31 1.92
CA THR A 20 -4.96 -2.92 2.25
C THR A 20 -5.42 -2.18 0.99
N ILE A 21 -4.62 -2.20 -0.04
CA ILE A 21 -5.02 -1.50 -1.30
C ILE A 21 -6.26 -2.16 -1.89
N LYS A 22 -6.25 -3.45 -2.08
CA LYS A 22 -7.43 -4.14 -2.64
C LYS A 22 -8.71 -3.60 -1.98
N LYS A 23 -8.60 -3.13 -0.77
CA LYS A 23 -9.79 -2.57 -0.08
C LYS A 23 -10.04 -1.14 -0.55
N LEU A 24 -8.99 -0.43 -0.88
CA LEU A 24 -9.16 0.98 -1.36
C LEU A 24 -9.89 0.99 -2.70
N LEU A 25 -9.29 0.42 -3.70
CA LEU A 25 -9.95 0.40 -5.05
C LEU A 25 -11.34 -0.23 -4.95
N ALA A 26 -11.48 -1.24 -4.13
CA ALA A 26 -12.81 -1.91 -3.99
C ALA A 26 -13.86 -0.91 -3.48
N SER A 27 -13.44 0.24 -3.03
CA SER A 27 -14.42 1.24 -2.52
C SER A 27 -14.38 2.51 -3.38
N ALA A 28 -13.81 2.42 -4.56
CA ALA A 28 -13.76 3.62 -5.45
C ALA A 28 -13.60 3.20 -6.91
N ASN A 29 -13.94 4.05 -7.82
CA ASN A 29 -13.81 3.70 -9.26
C ASN A 29 -12.33 3.66 -9.66
N LEU A 30 -11.88 2.57 -10.21
CA LEU A 30 -10.45 2.48 -10.62
C LEU A 30 -10.05 3.64 -11.52
N GLU A 31 -10.83 3.92 -12.53
CA GLU A 31 -10.49 5.04 -13.46
C GLU A 31 -10.63 6.39 -12.74
N GLU A 32 -11.23 6.40 -11.58
CA GLU A 32 -11.39 7.69 -10.84
C GLU A 32 -10.42 7.76 -9.66
N VAL A 33 -9.56 6.79 -9.54
CA VAL A 33 -8.58 6.80 -8.42
C VAL A 33 -7.19 7.16 -8.95
N THR A 34 -6.39 7.81 -8.15
CA THR A 34 -5.02 8.20 -8.61
C THR A 34 -3.97 7.66 -7.65
N MET A 35 -2.75 7.55 -8.10
CA MET A 35 -1.66 7.04 -7.22
C MET A 35 -1.58 7.86 -5.94
N LYS A 36 -1.97 9.10 -6.00
CA LYS A 36 -1.92 9.97 -4.78
C LYS A 36 -2.90 9.46 -3.72
N GLN A 37 -4.09 9.10 -4.13
CA GLN A 37 -5.10 8.60 -3.14
C GLN A 37 -4.63 7.27 -2.55
N ILE A 38 -4.01 6.43 -3.34
CA ILE A 38 -3.54 5.12 -2.83
C ILE A 38 -2.51 5.32 -1.71
N CYS A 39 -1.55 6.17 -1.93
CA CYS A 39 -0.51 6.42 -0.89
C CYS A 39 -1.16 6.98 0.38
N LYS A 40 -2.10 7.88 0.22
CA LYS A 40 -2.76 8.47 1.43
C LYS A 40 -3.48 7.39 2.23
N LYS A 41 -4.42 6.70 1.63
CA LYS A 41 -5.15 5.62 2.35
C LYS A 41 -4.18 4.54 2.81
N VAL A 42 -3.41 4.00 1.91
CA VAL A 42 -2.45 2.93 2.30
C VAL A 42 -1.74 3.31 3.61
N TYR A 43 -1.08 4.44 3.64
CA TYR A 43 -0.40 4.85 4.89
C TYR A 43 -1.37 4.76 6.07
N GLU A 44 -2.58 5.20 5.88
CA GLU A 44 -3.59 5.12 6.99
C GLU A 44 -3.52 3.75 7.65
N ASN A 45 -3.40 2.70 6.88
CA ASN A 45 -3.32 1.34 7.47
C ASN A 45 -1.87 0.99 7.79
N TYR A 46 -0.94 1.76 7.27
CA TYR A 46 0.50 1.47 7.54
C TYR A 46 1.19 2.72 8.10
N PRO A 47 0.66 3.21 9.19
CA PRO A 47 1.22 4.42 9.83
C PRO A 47 2.52 4.07 10.56
N THR A 48 2.47 3.11 11.44
CA THR A 48 3.71 2.72 12.19
C THR A 48 4.61 1.86 11.31
N TYR A 49 4.95 2.32 10.14
CA TYR A 49 5.83 1.53 9.24
C TYR A 49 6.61 2.46 8.30
N ASP A 50 7.77 2.04 7.88
CA ASP A 50 8.58 2.89 6.95
C ASP A 50 8.42 2.38 5.52
N LEU A 51 7.21 2.27 5.06
CA LEU A 51 6.97 1.77 3.67
C LEU A 51 7.71 2.63 2.65
N THR A 52 8.87 2.21 2.23
CA THR A 52 9.63 2.99 1.21
C THR A 52 9.64 2.21 -0.11
N GLU A 53 10.21 1.03 -0.09
CA GLU A 53 10.24 0.20 -1.32
C GLU A 53 8.87 -0.46 -1.52
N ARG A 54 8.37 -1.10 -0.50
CA ARG A 54 7.03 -1.73 -0.62
C ARG A 54 6.00 -0.65 -0.95
N LYS A 55 6.30 0.58 -0.60
CA LYS A 55 5.37 1.68 -0.92
C LYS A 55 5.32 1.88 -2.43
N ASP A 56 6.45 2.10 -3.04
CA ASP A 56 6.46 2.27 -4.53
C ASP A 56 5.62 1.16 -5.15
N PHE A 57 5.58 0.01 -4.53
CA PHE A 57 4.77 -1.12 -5.06
C PHE A 57 3.29 -0.78 -4.89
N ILE A 58 2.87 -0.47 -3.69
CA ILE A 58 1.44 -0.12 -3.46
C ILE A 58 0.96 0.81 -4.58
N LYS A 59 1.46 2.01 -4.61
CA LYS A 59 1.05 2.97 -5.67
C LYS A 59 1.03 2.28 -7.04
N THR A 60 2.04 1.50 -7.32
CA THR A 60 2.10 0.80 -8.63
C THR A 60 1.01 -0.27 -8.72
N THR A 61 0.59 -0.81 -7.61
CA THR A 61 -0.47 -1.86 -7.64
C THR A 61 -1.77 -1.27 -8.20
N VAL A 62 -2.09 -0.07 -7.80
CA VAL A 62 -3.35 0.56 -8.31
C VAL A 62 -3.11 1.16 -9.70
N LYS A 63 -2.04 1.89 -9.86
CA LYS A 63 -1.75 2.49 -11.18
C LYS A 63 -1.75 1.41 -12.27
N GLU A 64 -1.34 0.22 -11.93
CA GLU A 64 -1.32 -0.88 -12.94
C GLU A 64 -2.72 -1.49 -13.06
N LEU A 65 -3.49 -1.42 -12.00
CA LEU A 65 -4.86 -1.98 -12.05
C LEU A 65 -5.77 -1.00 -12.80
N ILE A 66 -5.37 0.24 -12.87
CA ILE A 66 -6.19 1.25 -13.59
C ILE A 66 -5.82 1.24 -15.08
N SER A 67 -4.62 0.85 -15.40
CA SER A 67 -4.20 0.82 -16.83
C SER A 67 -4.40 -0.58 -17.41
N LEU A 68 -4.29 -1.60 -16.60
CA LEU A 68 -4.47 -2.99 -17.10
C LEU A 68 -5.74 -3.61 -16.54
N GLU A 69 -6.53 -2.84 -15.84
CA GLU A 69 -7.80 -3.38 -15.26
C GLU A 69 -8.72 -2.23 -14.85
N HIS A 70 -8.69 -1.14 -15.58
CA HIS A 70 -9.57 0.01 -15.23
C HIS A 70 -10.98 -0.49 -14.89
N ASP A 1 23.21 8.97 7.85
CA ASP A 1 22.29 7.80 7.97
C ASP A 1 20.97 8.09 7.23
N GLU A 2 21.00 8.08 5.93
CA GLU A 2 19.76 8.36 5.15
C GLU A 2 18.58 7.58 5.75
N PRO A 3 18.75 6.29 5.88
CA PRO A 3 17.69 5.44 6.44
C PRO A 3 17.61 5.63 7.96
N LEU A 4 18.68 5.37 8.66
CA LEU A 4 18.65 5.54 10.14
C LEU A 4 17.53 4.69 10.75
N ILE A 5 17.16 3.62 10.12
CA ILE A 5 16.08 2.76 10.68
C ILE A 5 16.38 2.43 12.14
N LYS A 6 15.36 2.22 12.93
CA LYS A 6 15.59 1.90 14.37
C LYS A 6 14.37 1.19 14.96
N LYS A 7 13.65 0.46 14.17
CA LYS A 7 12.44 -0.26 14.69
C LYS A 7 12.71 -1.77 14.74
N LEU A 8 12.20 -2.44 15.74
CA LEU A 8 12.42 -3.90 15.85
C LEU A 8 11.32 -4.66 15.10
N LYS A 9 10.18 -4.06 14.96
CA LYS A 9 9.06 -4.75 14.24
C LYS A 9 9.41 -4.95 12.76
N LYS A 10 8.44 -5.22 11.94
CA LYS A 10 8.72 -5.42 10.49
C LYS A 10 7.50 -5.01 9.66
N PRO A 11 7.74 -4.82 8.39
CA PRO A 11 6.63 -4.42 7.47
C PRO A 11 5.71 -5.61 7.20
N PRO A 12 4.53 -5.30 6.72
CA PRO A 12 3.53 -6.35 6.43
C PRO A 12 3.93 -7.13 5.17
N THR A 13 3.80 -8.43 5.20
CA THR A 13 4.18 -9.23 4.01
C THR A 13 3.49 -8.68 2.76
N ASP A 14 4.13 -8.76 1.63
CA ASP A 14 3.49 -8.24 0.38
C ASP A 14 2.02 -8.67 0.32
N GLU A 15 1.71 -9.84 0.81
CA GLU A 15 0.30 -10.31 0.79
C GLU A 15 -0.59 -9.34 1.57
N GLU A 16 -0.20 -9.00 2.77
CA GLU A 16 -1.02 -8.06 3.58
C GLU A 16 -1.04 -6.68 2.90
N LEU A 17 -0.03 -6.37 2.14
CA LEU A 17 0.01 -5.06 1.44
C LEU A 17 -1.05 -5.02 0.33
N LYS A 18 -0.92 -5.88 -0.65
CA LYS A 18 -1.92 -5.88 -1.76
C LYS A 18 -3.34 -5.80 -1.20
N GLU A 19 -3.67 -6.66 -0.27
CA GLU A 19 -5.04 -6.64 0.31
C GLU A 19 -5.41 -5.23 0.76
N THR A 20 -4.63 -4.65 1.63
CA THR A 20 -4.93 -3.27 2.11
C THR A 20 -5.31 -2.37 0.94
N ILE A 21 -4.51 -2.34 -0.10
CA ILE A 21 -4.83 -1.48 -1.27
C ILE A 21 -6.14 -1.93 -1.92
N LYS A 22 -6.26 -3.20 -2.22
CA LYS A 22 -7.51 -3.69 -2.84
C LYS A 22 -8.73 -3.21 -2.04
N LYS A 23 -8.55 -2.93 -0.78
CA LYS A 23 -9.69 -2.46 0.05
C LYS A 23 -9.95 -0.97 -0.22
N LEU A 24 -9.08 -0.12 0.22
CA LEU A 24 -9.27 1.34 -0.02
C LEU A 24 -9.61 1.60 -1.49
N LEU A 25 -8.94 0.93 -2.38
CA LEU A 25 -9.23 1.13 -3.83
C LEU A 25 -10.68 0.75 -4.13
N ALA A 26 -11.17 -0.28 -3.50
CA ALA A 26 -12.58 -0.70 -3.75
C ALA A 26 -13.55 0.38 -3.26
N SER A 27 -13.06 1.33 -2.52
CA SER A 27 -13.94 2.42 -2.01
C SER A 27 -14.08 3.51 -3.07
N ALA A 28 -13.51 3.32 -4.23
CA ALA A 28 -13.61 4.34 -5.29
C ALA A 28 -13.53 3.69 -6.67
N ASN A 29 -13.71 4.46 -7.72
CA ASN A 29 -13.65 3.87 -9.09
C ASN A 29 -12.19 3.75 -9.54
N LEU A 30 -11.73 2.54 -9.78
CA LEU A 30 -10.32 2.36 -10.22
C LEU A 30 -9.97 3.33 -11.34
N GLU A 31 -10.80 3.41 -12.35
CA GLU A 31 -10.51 4.35 -13.47
C GLU A 31 -10.53 5.79 -12.97
N GLU A 32 -11.02 6.01 -11.78
CA GLU A 32 -11.07 7.40 -11.23
C GLU A 32 -10.22 7.50 -9.97
N VAL A 33 -9.30 6.60 -9.79
CA VAL A 33 -8.43 6.63 -8.58
C VAL A 33 -7.01 7.04 -8.95
N THR A 34 -6.48 8.05 -8.30
CA THR A 34 -5.10 8.50 -8.62
C THR A 34 -4.13 8.08 -7.51
N MET A 35 -2.85 8.03 -7.80
CA MET A 35 -1.86 7.64 -6.76
C MET A 35 -2.20 8.31 -5.43
N LYS A 36 -2.44 9.60 -5.45
CA LYS A 36 -2.77 10.31 -4.18
C LYS A 36 -3.74 9.48 -3.34
N GLN A 37 -4.88 9.15 -3.89
CA GLN A 37 -5.88 8.35 -3.12
C GLN A 37 -5.23 7.04 -2.63
N ILE A 38 -4.28 6.53 -3.35
CA ILE A 38 -3.62 5.27 -2.91
C ILE A 38 -2.63 5.54 -1.78
N CYS A 39 -1.56 6.23 -2.08
CA CYS A 39 -0.56 6.54 -1.03
C CYS A 39 -1.24 6.99 0.27
N LYS A 40 -2.35 7.65 0.16
CA LYS A 40 -3.07 8.10 1.39
C LYS A 40 -3.69 6.91 2.12
N LYS A 41 -4.72 6.33 1.57
CA LYS A 41 -5.37 5.17 2.24
C LYS A 41 -4.31 4.13 2.64
N VAL A 42 -3.42 3.81 1.75
CA VAL A 42 -2.37 2.81 2.07
C VAL A 42 -1.72 3.15 3.42
N TYR A 43 -0.98 4.23 3.48
CA TYR A 43 -0.33 4.60 4.76
C TYR A 43 -1.32 4.46 5.92
N GLU A 44 -2.54 4.89 5.72
CA GLU A 44 -3.55 4.78 6.80
C GLU A 44 -3.45 3.40 7.46
N ASN A 45 -3.37 2.37 6.67
CA ASN A 45 -3.27 0.99 7.24
C ASN A 45 -1.81 0.66 7.54
N TYR A 46 -0.89 1.44 7.01
CA TYR A 46 0.55 1.16 7.27
C TYR A 46 1.27 2.44 7.71
N PRO A 47 0.70 3.11 8.67
CA PRO A 47 1.29 4.36 9.19
C PRO A 47 2.47 4.06 10.12
N THR A 48 2.28 3.15 11.03
CA THR A 48 3.39 2.80 11.98
C THR A 48 4.61 2.28 11.24
N TYR A 49 4.48 1.99 9.97
CA TYR A 49 5.66 1.47 9.20
C TYR A 49 6.17 2.54 8.23
N ASP A 50 7.45 2.53 7.96
CA ASP A 50 8.01 3.52 7.00
C ASP A 50 8.02 2.94 5.60
N LEU A 51 6.92 2.38 5.17
CA LEU A 51 6.83 1.78 3.81
C LEU A 51 7.59 2.63 2.79
N THR A 52 8.71 2.14 2.32
CA THR A 52 9.50 2.91 1.31
C THR A 52 9.55 2.12 0.00
N GLU A 53 10.15 0.96 0.03
CA GLU A 53 10.23 0.13 -1.20
C GLU A 53 8.86 -0.51 -1.46
N ARG A 54 8.36 -1.24 -0.50
CA ARG A 54 7.03 -1.86 -0.69
C ARG A 54 5.98 -0.77 -0.90
N LYS A 55 6.32 0.45 -0.57
CA LYS A 55 5.37 1.58 -0.77
C LYS A 55 5.23 1.85 -2.26
N ASP A 56 6.29 2.27 -2.89
CA ASP A 56 6.21 2.54 -4.36
C ASP A 56 5.51 1.35 -5.04
N PHE A 57 5.60 0.20 -4.43
CA PHE A 57 4.94 -1.00 -5.00
C PHE A 57 3.42 -0.88 -4.85
N ILE A 58 2.98 -0.21 -3.81
CA ILE A 58 1.52 -0.03 -3.59
C ILE A 58 0.95 0.95 -4.62
N LYS A 59 1.37 2.18 -4.55
CA LYS A 59 0.86 3.19 -5.53
C LYS A 59 0.84 2.58 -6.93
N THR A 60 1.87 1.88 -7.31
CA THR A 60 1.91 1.25 -8.66
C THR A 60 0.92 0.09 -8.73
N THR A 61 0.66 -0.56 -7.63
CA THR A 61 -0.30 -1.70 -7.64
C THR A 61 -1.65 -1.25 -8.20
N VAL A 62 -2.08 -0.07 -7.84
CA VAL A 62 -3.39 0.44 -8.36
C VAL A 62 -3.21 0.96 -9.79
N LYS A 63 -2.34 1.90 -9.98
CA LYS A 63 -2.12 2.44 -11.35
C LYS A 63 -1.87 1.29 -12.31
N GLU A 64 -1.25 0.24 -11.84
CA GLU A 64 -0.98 -0.94 -12.71
C GLU A 64 -2.28 -1.70 -12.95
N LEU A 65 -3.18 -1.62 -12.01
CA LEU A 65 -4.49 -2.32 -12.18
C LEU A 65 -5.39 -1.46 -13.09
N ILE A 66 -5.25 -0.17 -13.00
CA ILE A 66 -6.08 0.72 -13.85
C ILE A 66 -5.72 0.50 -15.32
N SER A 67 -4.50 0.14 -15.60
CA SER A 67 -4.09 -0.10 -17.01
C SER A 67 -4.38 -1.55 -17.40
N LEU A 68 -4.33 -2.44 -16.44
CA LEU A 68 -4.60 -3.87 -16.74
C LEU A 68 -6.10 -4.14 -16.75
N GLU A 69 -6.87 -3.32 -16.10
CA GLU A 69 -8.35 -3.54 -16.07
C GLU A 69 -9.09 -2.34 -16.69
N HIS A 70 -8.39 -1.28 -16.97
CA HIS A 70 -9.05 -0.09 -17.58
C HIS A 70 -8.11 0.61 -18.57
N ASP A 1 16.97 -12.47 2.11
CA ASP A 1 16.06 -13.54 1.58
C ASP A 1 16.56 -14.91 2.04
N GLU A 2 17.72 -15.32 1.59
CA GLU A 2 18.25 -16.65 2.00
C GLU A 2 18.47 -16.68 3.53
N PRO A 3 19.25 -15.75 4.00
CA PRO A 3 19.54 -15.67 5.44
C PRO A 3 18.32 -15.17 6.22
N LEU A 4 17.29 -14.79 5.50
CA LEU A 4 16.06 -14.29 6.18
C LEU A 4 16.33 -12.97 6.90
N ILE A 5 17.27 -12.96 7.82
CA ILE A 5 17.58 -11.69 8.54
C ILE A 5 16.30 -11.12 9.17
N LYS A 6 16.42 -10.15 10.02
CA LYS A 6 15.21 -9.56 10.67
C LYS A 6 15.60 -8.48 11.68
N LYS A 7 14.71 -7.55 11.94
CA LYS A 7 15.04 -6.48 12.92
C LYS A 7 13.90 -6.32 13.94
N LEU A 8 13.86 -5.22 14.63
CA LEU A 8 12.77 -5.00 15.63
C LEU A 8 11.42 -4.87 14.92
N LYS A 9 11.15 -3.73 14.35
CA LYS A 9 9.85 -3.54 13.64
C LYS A 9 9.83 -4.34 12.34
N LYS A 10 8.67 -4.71 11.87
CA LYS A 10 8.60 -5.49 10.60
C LYS A 10 7.44 -4.98 9.75
N PRO A 11 7.72 -4.78 8.49
CA PRO A 11 6.68 -4.30 7.55
C PRO A 11 5.67 -5.40 7.26
N PRO A 12 4.53 -5.00 6.79
CA PRO A 12 3.44 -5.96 6.47
C PRO A 12 3.82 -6.77 5.22
N THR A 13 3.89 -8.07 5.35
CA THR A 13 4.24 -8.92 4.17
C THR A 13 3.54 -8.41 2.91
N ASP A 14 4.08 -8.71 1.76
CA ASP A 14 3.43 -8.23 0.50
C ASP A 14 1.95 -8.61 0.50
N GLU A 15 1.60 -9.73 1.06
CA GLU A 15 0.18 -10.15 1.09
C GLU A 15 -0.65 -9.14 1.89
N GLU A 16 -0.05 -8.51 2.87
CA GLU A 16 -0.80 -7.51 3.68
C GLU A 16 -0.93 -6.20 2.91
N LEU A 17 0.16 -5.65 2.45
CA LEU A 17 0.10 -4.37 1.70
C LEU A 17 -0.91 -4.50 0.55
N LYS A 18 -0.82 -5.53 -0.22
CA LYS A 18 -1.78 -5.72 -1.35
C LYS A 18 -3.21 -5.78 -0.82
N GLU A 19 -3.46 -6.63 0.14
CA GLU A 19 -4.84 -6.73 0.69
C GLU A 19 -5.38 -5.34 1.02
N THR A 20 -4.67 -4.58 1.80
CA THR A 20 -5.13 -3.20 2.15
C THR A 20 -5.61 -2.47 0.89
N ILE A 21 -4.83 -2.52 -0.15
CA ILE A 21 -5.23 -1.82 -1.41
C ILE A 21 -6.49 -2.45 -1.98
N LYS A 22 -6.54 -3.76 -2.06
CA LYS A 22 -7.76 -4.43 -2.60
C LYS A 22 -9.00 -3.87 -1.91
N LYS A 23 -8.83 -3.33 -0.73
CA LYS A 23 -9.98 -2.74 0.00
C LYS A 23 -10.23 -1.31 -0.48
N LEU A 24 -9.20 -0.63 -0.87
CA LEU A 24 -9.36 0.77 -1.35
C LEU A 24 -10.05 0.77 -2.72
N LEU A 25 -9.42 0.20 -3.71
CA LEU A 25 -10.04 0.15 -5.07
C LEU A 25 -11.39 -0.56 -5.01
N ALA A 26 -11.50 -1.59 -4.21
CA ALA A 26 -12.80 -2.32 -4.10
C ALA A 26 -13.93 -1.35 -3.79
N SER A 27 -13.62 -0.17 -3.31
CA SER A 27 -14.69 0.81 -2.98
C SER A 27 -14.35 2.19 -3.57
N ALA A 28 -14.07 2.25 -4.84
CA ALA A 28 -13.73 3.55 -5.47
C ALA A 28 -13.59 3.39 -6.99
N ASN A 29 -13.84 4.43 -7.73
CA ASN A 29 -13.71 4.34 -9.22
C ASN A 29 -12.24 4.32 -9.62
N LEU A 30 -11.76 3.19 -10.08
CA LEU A 30 -10.33 3.10 -10.49
C LEU A 30 -9.94 4.34 -11.32
N GLU A 31 -10.74 4.67 -12.30
CA GLU A 31 -10.42 5.87 -13.14
C GLU A 31 -10.24 7.10 -12.26
N GLU A 32 -10.70 7.06 -11.04
CA GLU A 32 -10.55 8.23 -10.14
C GLU A 32 -9.54 7.92 -9.03
N VAL A 33 -8.66 6.99 -9.25
CA VAL A 33 -7.65 6.66 -8.20
C VAL A 33 -6.24 7.00 -8.70
N THR A 34 -5.56 7.88 -8.02
CA THR A 34 -4.18 8.26 -8.45
C THR A 34 -3.15 7.82 -7.40
N MET A 35 -1.91 8.12 -7.61
CA MET A 35 -0.86 7.73 -6.63
C MET A 35 -1.07 8.48 -5.31
N LYS A 36 -1.67 9.63 -5.36
CA LYS A 36 -1.89 10.41 -4.11
C LYS A 36 -2.93 9.70 -3.22
N GLN A 37 -3.90 9.07 -3.82
CA GLN A 37 -4.95 8.37 -3.02
C GLN A 37 -4.39 7.05 -2.47
N ILE A 38 -3.71 6.29 -3.30
CA ILE A 38 -3.15 4.99 -2.83
C ILE A 38 -2.08 5.22 -1.77
N CYS A 39 -1.34 6.29 -1.86
CA CYS A 39 -0.26 6.55 -0.87
C CYS A 39 -0.87 7.05 0.44
N LYS A 40 -1.83 7.93 0.37
CA LYS A 40 -2.46 8.46 1.62
C LYS A 40 -3.29 7.35 2.30
N LYS A 41 -4.08 6.64 1.55
CA LYS A 41 -4.90 5.55 2.16
C LYS A 41 -4.00 4.42 2.66
N VAL A 42 -3.27 3.78 1.79
CA VAL A 42 -2.37 2.69 2.24
C VAL A 42 -1.63 3.11 3.51
N TYR A 43 -1.19 4.33 3.57
CA TYR A 43 -0.47 4.81 4.77
C TYR A 43 -1.40 4.71 5.99
N GLU A 44 -2.64 5.09 5.82
CA GLU A 44 -3.61 5.01 6.95
C GLU A 44 -3.52 3.62 7.59
N ASN A 45 -3.45 2.60 6.78
CA ASN A 45 -3.37 1.21 7.33
C ASN A 45 -1.91 0.86 7.63
N TYR A 46 -0.99 1.67 7.17
CA TYR A 46 0.45 1.37 7.42
C TYR A 46 1.19 2.64 7.86
N PRO A 47 0.61 3.31 8.83
CA PRO A 47 1.21 4.56 9.36
C PRO A 47 2.45 4.25 10.22
N THR A 48 2.30 3.40 11.20
CA THR A 48 3.45 3.06 12.08
C THR A 48 4.62 2.50 11.26
N TYR A 49 4.36 2.12 10.04
CA TYR A 49 5.46 1.56 9.19
C TYR A 49 6.00 2.63 8.23
N ASP A 50 7.27 2.59 7.94
CA ASP A 50 7.85 3.59 7.00
C ASP A 50 7.85 3.04 5.58
N LEU A 51 6.71 2.58 5.12
CA LEU A 51 6.63 2.02 3.74
C LEU A 51 7.32 2.94 2.73
N THR A 52 8.51 2.58 2.31
CA THR A 52 9.22 3.42 1.30
C THR A 52 9.35 2.62 -0.01
N GLU A 53 10.04 1.51 0.05
CA GLU A 53 10.19 0.67 -1.18
C GLU A 53 8.90 -0.11 -1.42
N ARG A 54 8.46 -0.86 -0.44
CA ARG A 54 7.20 -1.63 -0.62
C ARG A 54 6.08 -0.64 -0.94
N LYS A 55 6.23 0.59 -0.53
CA LYS A 55 5.20 1.61 -0.83
C LYS A 55 5.12 1.82 -2.35
N ASP A 56 6.23 2.11 -2.96
CA ASP A 56 6.22 2.30 -4.44
C ASP A 56 5.50 1.12 -5.10
N PHE A 57 5.66 -0.05 -4.53
CA PHE A 57 4.97 -1.25 -5.09
C PHE A 57 3.45 -1.07 -4.98
N ILE A 58 3.01 -0.37 -3.97
CA ILE A 58 1.53 -0.16 -3.81
C ILE A 58 1.01 0.72 -4.95
N LYS A 59 1.57 1.88 -5.10
CA LYS A 59 1.11 2.80 -6.19
C LYS A 59 1.00 2.03 -7.51
N THR A 60 2.00 1.22 -7.81
CA THR A 60 1.96 0.46 -9.09
C THR A 60 0.85 -0.59 -9.06
N THR A 61 0.50 -1.08 -7.90
CA THR A 61 -0.58 -2.11 -7.81
C THR A 61 -1.91 -1.51 -8.31
N VAL A 62 -2.24 -0.33 -7.86
CA VAL A 62 -3.52 0.29 -8.31
C VAL A 62 -3.33 0.87 -9.72
N LYS A 63 -2.21 1.50 -9.96
CA LYS A 63 -1.97 2.09 -11.30
C LYS A 63 -2.07 0.99 -12.39
N GLU A 64 -1.62 -0.19 -12.08
CA GLU A 64 -1.72 -1.29 -13.08
C GLU A 64 -3.14 -1.83 -13.13
N LEU A 65 -3.85 -1.72 -12.04
CA LEU A 65 -5.26 -2.20 -12.03
C LEU A 65 -6.14 -1.16 -12.71
N ILE A 66 -5.64 0.04 -12.86
CA ILE A 66 -6.44 1.11 -13.53
C ILE A 66 -6.25 1.03 -15.05
N SER A 67 -5.12 0.57 -15.49
CA SER A 67 -4.86 0.48 -16.95
C SER A 67 -5.24 -0.92 -17.46
N LEU A 68 -5.09 -1.91 -16.64
CA LEU A 68 -5.43 -3.30 -17.07
C LEU A 68 -6.72 -3.76 -16.37
N GLU A 69 -7.50 -2.83 -15.89
CA GLU A 69 -8.76 -3.21 -15.19
C GLU A 69 -9.58 -1.96 -14.86
N HIS A 70 -9.55 -0.97 -15.70
CA HIS A 70 -10.31 0.28 -15.44
C HIS A 70 -11.76 -0.06 -15.06
N ASP A 1 27.06 -9.60 12.43
CA ASP A 1 26.07 -8.99 11.49
C ASP A 1 25.60 -10.03 10.47
N GLU A 2 26.27 -11.15 10.40
CA GLU A 2 25.86 -12.21 9.43
C GLU A 2 24.40 -12.60 9.65
N PRO A 3 24.11 -13.00 10.87
CA PRO A 3 22.73 -13.40 11.22
C PRO A 3 21.82 -12.17 11.34
N LEU A 4 22.30 -11.14 11.97
CA LEU A 4 21.47 -9.90 12.11
C LEU A 4 20.03 -10.27 12.52
N ILE A 5 19.90 -11.03 13.57
CA ILE A 5 18.52 -11.42 14.02
C ILE A 5 18.18 -10.69 15.32
N LYS A 6 17.84 -9.43 15.23
CA LYS A 6 17.49 -8.67 16.46
C LYS A 6 16.54 -7.52 16.13
N LYS A 7 15.60 -7.74 15.25
CA LYS A 7 14.64 -6.65 14.89
C LYS A 7 13.45 -6.66 15.85
N LEU A 8 13.03 -5.51 16.32
CA LEU A 8 11.87 -5.47 17.25
C LEU A 8 10.57 -5.76 16.50
N LYS A 9 9.97 -4.74 15.95
CA LYS A 9 8.69 -4.95 15.20
C LYS A 9 9.00 -5.39 13.76
N LYS A 10 7.99 -5.70 13.00
CA LYS A 10 8.21 -6.13 11.59
C LYS A 10 7.14 -5.56 10.68
N PRO A 11 7.53 -5.23 9.48
CA PRO A 11 6.59 -4.66 8.49
C PRO A 11 5.64 -5.76 7.98
N PRO A 12 4.58 -5.33 7.35
CA PRO A 12 3.58 -6.29 6.81
C PRO A 12 4.14 -7.00 5.57
N THR A 13 3.47 -8.01 5.11
CA THR A 13 3.97 -8.74 3.91
C THR A 13 3.15 -8.34 2.68
N ASP A 14 3.69 -8.55 1.50
CA ASP A 14 2.95 -8.17 0.27
C ASP A 14 1.48 -8.58 0.39
N GLU A 15 1.21 -9.66 1.08
CA GLU A 15 -0.20 -10.12 1.23
C GLU A 15 -1.00 -9.10 2.05
N GLU A 16 -0.43 -8.56 3.10
CA GLU A 16 -1.16 -7.57 3.92
C GLU A 16 -1.21 -6.21 3.21
N LEU A 17 -0.12 -5.81 2.61
CA LEU A 17 -0.10 -4.50 1.89
C LEU A 17 -1.12 -4.52 0.76
N LYS A 18 -0.95 -5.41 -0.18
CA LYS A 18 -1.93 -5.49 -1.32
C LYS A 18 -3.36 -5.48 -0.77
N GLU A 19 -3.63 -6.28 0.22
CA GLU A 19 -5.00 -6.32 0.79
C GLU A 19 -5.51 -4.90 1.03
N THR A 20 -4.86 -4.17 1.90
CA THR A 20 -5.30 -2.77 2.18
C THR A 20 -5.66 -2.07 0.87
N ILE A 21 -4.76 -2.06 -0.07
CA ILE A 21 -5.06 -1.39 -1.37
C ILE A 21 -6.32 -1.98 -1.99
N LYS A 22 -6.35 -3.27 -2.19
CA LYS A 22 -7.56 -3.91 -2.78
C LYS A 22 -8.81 -3.36 -2.09
N LYS A 23 -8.69 -3.01 -0.84
CA LYS A 23 -9.87 -2.47 -0.10
C LYS A 23 -10.18 -1.05 -0.58
N LEU A 24 -9.18 -0.38 -1.10
CA LEU A 24 -9.41 1.01 -1.59
C LEU A 24 -10.05 0.99 -2.97
N LEU A 25 -9.62 0.09 -3.81
CA LEU A 25 -10.20 0.01 -5.19
C LEU A 25 -11.62 -0.55 -5.13
N ALA A 26 -11.88 -1.49 -4.26
CA ALA A 26 -13.25 -2.06 -4.17
C ALA A 26 -14.24 -1.01 -3.65
N SER A 27 -13.76 0.14 -3.25
CA SER A 27 -14.67 1.19 -2.74
C SER A 27 -14.67 2.40 -3.67
N ALA A 28 -13.74 2.46 -4.58
CA ALA A 28 -13.69 3.62 -5.52
C ALA A 28 -13.63 3.12 -6.97
N ASN A 29 -13.71 4.01 -7.92
CA ASN A 29 -13.66 3.58 -9.35
C ASN A 29 -12.21 3.55 -9.83
N LEU A 30 -11.75 2.42 -10.29
CA LEU A 30 -10.35 2.32 -10.77
C LEU A 30 -10.01 3.50 -11.70
N GLU A 31 -10.85 3.77 -12.67
CA GLU A 31 -10.58 4.91 -13.59
C GLU A 31 -10.71 6.24 -12.86
N GLU A 32 -11.15 6.20 -11.62
CA GLU A 32 -11.30 7.47 -10.85
C GLU A 32 -10.42 7.43 -9.60
N VAL A 33 -9.27 6.82 -9.68
CA VAL A 33 -8.37 6.75 -8.50
C VAL A 33 -6.96 7.21 -8.88
N THR A 34 -6.20 7.68 -7.93
CA THR A 34 -4.81 8.14 -8.24
C THR A 34 -3.87 7.79 -7.09
N MET A 35 -2.59 7.73 -7.36
CA MET A 35 -1.62 7.40 -6.28
C MET A 35 -1.96 8.18 -5.00
N LYS A 36 -2.42 9.40 -5.14
CA LYS A 36 -2.76 10.19 -3.94
C LYS A 36 -3.70 9.40 -3.02
N GLN A 37 -4.80 8.92 -3.55
CA GLN A 37 -5.75 8.13 -2.72
C GLN A 37 -5.08 6.84 -2.24
N ILE A 38 -4.29 6.22 -3.07
CA ILE A 38 -3.61 4.96 -2.66
C ILE A 38 -2.55 5.25 -1.59
N CYS A 39 -1.52 5.97 -1.94
CA CYS A 39 -0.47 6.30 -0.93
C CYS A 39 -1.12 6.85 0.34
N LYS A 40 -2.16 7.62 0.19
CA LYS A 40 -2.84 8.20 1.39
C LYS A 40 -3.49 7.08 2.21
N LYS A 41 -4.60 6.56 1.75
CA LYS A 41 -5.27 5.47 2.52
C LYS A 41 -4.25 4.40 2.90
N VAL A 42 -3.39 4.03 1.99
CA VAL A 42 -2.36 3.00 2.29
C VAL A 42 -1.63 3.38 3.59
N TYR A 43 -0.95 4.49 3.58
CA TYR A 43 -0.22 4.92 4.82
C TYR A 43 -1.16 4.84 6.02
N GLU A 44 -2.39 5.27 5.87
CA GLU A 44 -3.33 5.20 7.01
C GLU A 44 -3.24 3.83 7.68
N ASN A 45 -3.15 2.78 6.91
CA ASN A 45 -3.05 1.43 7.51
C ASN A 45 -1.58 1.09 7.80
N TYR A 46 -0.67 1.82 7.23
CA TYR A 46 0.78 1.55 7.49
C TYR A 46 1.49 2.83 7.94
N PRO A 47 0.87 3.52 8.86
CA PRO A 47 1.46 4.78 9.39
C PRO A 47 2.65 4.47 10.30
N THR A 48 2.73 3.28 10.82
CA THR A 48 3.85 2.93 11.72
C THR A 48 4.87 2.05 10.98
N TYR A 49 5.08 2.32 9.71
CA TYR A 49 6.06 1.51 8.93
C TYR A 49 6.85 2.39 7.96
N ASP A 50 8.08 2.07 7.71
CA ASP A 50 8.89 2.90 6.77
C ASP A 50 8.68 2.42 5.34
N LEU A 51 7.44 2.15 4.99
CA LEU A 51 7.15 1.67 3.61
C LEU A 51 7.94 2.47 2.57
N THR A 52 9.03 1.93 2.11
CA THR A 52 9.84 2.65 1.07
C THR A 52 9.81 1.85 -0.22
N GLU A 53 10.32 0.65 -0.19
CA GLU A 53 10.30 -0.20 -1.41
C GLU A 53 8.89 -0.74 -1.61
N ARG A 54 8.29 -1.24 -0.55
CA ARG A 54 6.91 -1.76 -0.67
C ARG A 54 5.96 -0.61 -0.98
N LYS A 55 6.34 0.59 -0.62
CA LYS A 55 5.48 1.77 -0.91
C LYS A 55 5.39 1.95 -2.43
N ASP A 56 6.51 2.07 -3.09
CA ASP A 56 6.47 2.22 -4.57
C ASP A 56 5.63 1.09 -5.16
N PHE A 57 5.62 -0.04 -4.50
CA PHE A 57 4.82 -1.20 -4.99
C PHE A 57 3.32 -0.87 -4.83
N ILE A 58 2.93 -0.40 -3.67
CA ILE A 58 1.50 -0.06 -3.46
C ILE A 58 1.00 0.82 -4.60
N LYS A 59 1.51 2.01 -4.73
CA LYS A 59 1.07 2.91 -5.82
C LYS A 59 1.11 2.16 -7.16
N THR A 60 2.17 1.44 -7.41
CA THR A 60 2.27 0.69 -8.69
C THR A 60 1.16 -0.38 -8.77
N THR A 61 0.69 -0.82 -7.65
CA THR A 61 -0.40 -1.87 -7.66
C THR A 61 -1.69 -1.25 -8.20
N VAL A 62 -1.98 -0.03 -7.84
CA VAL A 62 -3.23 0.62 -8.33
C VAL A 62 -2.98 1.25 -9.70
N LYS A 63 -1.91 1.98 -9.84
CA LYS A 63 -1.61 2.61 -11.16
C LYS A 63 -1.59 1.54 -12.26
N GLU A 64 -1.22 0.33 -11.91
CA GLU A 64 -1.19 -0.75 -12.93
C GLU A 64 -2.58 -1.38 -13.04
N LEU A 65 -3.34 -1.33 -11.97
CA LEU A 65 -4.71 -1.90 -12.01
C LEU A 65 -5.63 -0.93 -12.75
N ILE A 66 -5.20 0.30 -12.90
CA ILE A 66 -6.03 1.29 -13.62
C ILE A 66 -5.62 1.33 -15.10
N SER A 67 -4.40 0.99 -15.39
CA SER A 67 -3.94 1.00 -16.82
C SER A 67 -4.09 -0.40 -17.43
N LEU A 68 -3.95 -1.42 -16.63
CA LEU A 68 -4.09 -2.81 -17.17
C LEU A 68 -5.45 -3.40 -16.81
N GLU A 69 -5.94 -3.09 -15.64
CA GLU A 69 -7.26 -3.63 -15.22
C GLU A 69 -8.22 -2.48 -14.88
N HIS A 70 -8.19 -1.43 -15.65
CA HIS A 70 -9.09 -0.27 -15.38
C HIS A 70 -10.49 -0.77 -14.99
N ASP A 1 26.95 -4.23 18.84
CA ASP A 1 27.96 -5.14 18.24
C ASP A 1 27.40 -6.57 18.16
N GLU A 2 27.09 -7.16 19.28
CA GLU A 2 26.55 -8.54 19.27
C GLU A 2 25.27 -8.60 18.42
N PRO A 3 24.32 -7.76 18.76
CA PRO A 3 23.05 -7.72 18.02
C PRO A 3 23.24 -7.06 16.65
N LEU A 4 24.31 -6.33 16.49
CA LEU A 4 24.56 -5.65 15.19
C LEU A 4 23.33 -4.85 14.75
N ILE A 5 22.74 -4.11 15.65
CA ILE A 5 21.54 -3.31 15.29
C ILE A 5 20.42 -4.23 14.79
N LYS A 6 19.48 -4.56 15.65
CA LYS A 6 18.37 -5.44 15.23
C LYS A 6 17.03 -4.71 15.39
N LYS A 7 15.94 -5.42 15.35
CA LYS A 7 14.61 -4.76 15.50
C LYS A 7 13.53 -5.80 15.82
N LEU A 8 12.50 -5.40 16.51
CA LEU A 8 11.43 -6.36 16.86
C LEU A 8 10.24 -6.21 15.90
N LYS A 9 9.79 -5.00 15.70
CA LYS A 9 8.64 -4.78 14.78
C LYS A 9 8.91 -5.42 13.42
N LYS A 10 8.01 -5.29 12.49
CA LYS A 10 8.23 -5.90 11.15
C LYS A 10 7.23 -5.32 10.14
N PRO A 11 7.70 -5.14 8.93
CA PRO A 11 6.84 -4.58 7.86
C PRO A 11 5.85 -5.64 7.38
N PRO A 12 4.75 -5.18 6.85
CA PRO A 12 3.70 -6.10 6.35
C PRO A 12 4.14 -6.75 5.04
N THR A 13 4.01 -8.05 4.93
CA THR A 13 4.42 -8.73 3.68
C THR A 13 3.63 -8.18 2.49
N ASP A 14 4.02 -8.52 1.30
CA ASP A 14 3.29 -8.02 0.11
C ASP A 14 1.79 -8.36 0.21
N GLU A 15 1.48 -9.48 0.80
CA GLU A 15 0.05 -9.87 0.93
C GLU A 15 -0.69 -8.85 1.81
N GLU A 16 -0.07 -8.41 2.87
CA GLU A 16 -0.75 -7.41 3.75
C GLU A 16 -0.99 -6.11 2.98
N LEU A 17 0.02 -5.58 2.35
CA LEU A 17 -0.16 -4.31 1.60
C LEU A 17 -1.21 -4.50 0.50
N LYS A 18 -1.04 -5.49 -0.33
CA LYS A 18 -2.04 -5.73 -1.42
C LYS A 18 -3.45 -5.74 -0.84
N GLU A 19 -3.66 -6.45 0.23
CA GLU A 19 -5.03 -6.50 0.84
C GLU A 19 -5.54 -5.08 1.10
N THR A 20 -4.77 -4.28 1.78
CA THR A 20 -5.21 -2.88 2.08
C THR A 20 -5.69 -2.20 0.79
N ILE A 21 -4.87 -2.21 -0.23
CA ILE A 21 -5.27 -1.56 -1.51
C ILE A 21 -6.47 -2.26 -2.12
N LYS A 22 -6.39 -3.55 -2.30
CA LYS A 22 -7.53 -4.30 -2.89
C LYS A 22 -8.84 -3.83 -2.26
N LYS A 23 -8.78 -3.33 -1.05
CA LYS A 23 -10.01 -2.84 -0.38
C LYS A 23 -10.31 -1.41 -0.85
N LEU A 24 -9.30 -0.65 -1.17
CA LEU A 24 -9.53 0.74 -1.64
C LEU A 24 -10.24 0.72 -3.00
N LEU A 25 -9.68 0.06 -3.96
CA LEU A 25 -10.33 0.00 -5.31
C LEU A 25 -11.69 -0.69 -5.20
N ALA A 26 -11.80 -1.70 -4.38
CA ALA A 26 -13.11 -2.40 -4.23
C ALA A 26 -14.14 -1.47 -3.57
N SER A 27 -13.69 -0.33 -3.10
CA SER A 27 -14.64 0.62 -2.46
C SER A 27 -14.48 2.02 -3.07
N ALA A 28 -14.03 2.10 -4.28
CA ALA A 28 -13.84 3.43 -4.93
C ALA A 28 -13.82 3.28 -6.45
N ASN A 29 -13.51 4.33 -7.16
CA ASN A 29 -13.46 4.24 -8.64
C ASN A 29 -12.01 4.24 -9.13
N LEU A 30 -11.67 3.29 -9.96
CA LEU A 30 -10.27 3.23 -10.47
C LEU A 30 -9.94 4.48 -11.29
N GLU A 31 -10.79 4.84 -12.21
CA GLU A 31 -10.53 6.05 -13.03
C GLU A 31 -10.60 7.31 -12.16
N GLU A 32 -11.00 7.16 -10.92
CA GLU A 32 -11.10 8.34 -10.03
C GLU A 32 -10.05 8.25 -8.91
N VAL A 33 -9.31 7.17 -8.87
CA VAL A 33 -8.28 7.01 -7.80
C VAL A 33 -6.88 7.10 -8.41
N THR A 34 -5.99 7.83 -7.79
CA THR A 34 -4.61 7.95 -8.33
C THR A 34 -3.58 7.71 -7.22
N MET A 35 -2.32 7.86 -7.50
CA MET A 35 -1.28 7.64 -6.46
C MET A 35 -1.57 8.52 -5.24
N LYS A 36 -2.23 9.63 -5.44
CA LYS A 36 -2.53 10.52 -4.29
C LYS A 36 -3.41 9.80 -3.27
N GLN A 37 -4.52 9.26 -3.69
CA GLN A 37 -5.41 8.53 -2.74
C GLN A 37 -4.79 7.20 -2.33
N ILE A 38 -4.05 6.58 -3.23
CA ILE A 38 -3.42 5.27 -2.89
C ILE A 38 -2.24 5.46 -1.94
N CYS A 39 -1.55 6.56 -2.05
CA CYS A 39 -0.38 6.79 -1.16
C CYS A 39 -0.84 7.23 0.24
N LYS A 40 -1.80 8.11 0.33
CA LYS A 40 -2.26 8.57 1.66
C LYS A 40 -3.10 7.49 2.35
N LYS A 41 -4.07 6.95 1.67
CA LYS A 41 -4.92 5.89 2.29
C LYS A 41 -4.07 4.69 2.69
N VAL A 42 -3.43 4.06 1.74
CA VAL A 42 -2.59 2.88 2.07
C VAL A 42 -1.72 3.21 3.29
N TYR A 43 -1.14 4.38 3.31
CA TYR A 43 -0.29 4.77 4.48
C TYR A 43 -1.15 4.76 5.75
N GLU A 44 -2.33 5.31 5.68
CA GLU A 44 -3.22 5.33 6.86
C GLU A 44 -3.21 3.96 7.53
N ASN A 45 -3.24 2.91 6.75
CA ASN A 45 -3.23 1.54 7.33
C ASN A 45 -1.79 1.10 7.63
N TYR A 46 -0.83 1.74 7.02
CA TYR A 46 0.60 1.37 7.27
C TYR A 46 1.40 2.58 7.73
N PRO A 47 0.85 3.29 8.68
CA PRO A 47 1.54 4.50 9.21
C PRO A 47 2.69 4.10 10.14
N THR A 48 2.40 3.34 11.16
CA THR A 48 3.47 2.91 12.11
C THR A 48 4.68 2.37 11.33
N TYR A 49 4.47 1.94 10.12
CA TYR A 49 5.60 1.40 9.32
C TYR A 49 6.10 2.46 8.33
N ASP A 50 7.38 2.51 8.09
CA ASP A 50 7.93 3.51 7.13
C ASP A 50 7.96 2.92 5.72
N LEU A 51 6.85 2.38 5.28
CA LEU A 51 6.80 1.77 3.92
C LEU A 51 7.53 2.65 2.90
N THR A 52 8.64 2.19 2.41
CA THR A 52 9.41 2.98 1.40
C THR A 52 9.50 2.16 0.10
N GLU A 53 10.12 1.03 0.14
CA GLU A 53 10.22 0.18 -1.07
C GLU A 53 8.85 -0.46 -1.35
N ARG A 54 8.35 -1.23 -0.42
CA ARG A 54 7.02 -1.86 -0.64
C ARG A 54 5.99 -0.76 -0.86
N LYS A 55 6.29 0.44 -0.45
CA LYS A 55 5.33 1.57 -0.66
C LYS A 55 5.19 1.81 -2.16
N ASP A 56 6.27 2.05 -2.84
CA ASP A 56 6.20 2.25 -4.31
C ASP A 56 5.46 1.08 -4.95
N PHE A 57 5.62 -0.10 -4.40
CA PHE A 57 4.93 -1.28 -4.95
C PHE A 57 3.41 -1.08 -4.84
N ILE A 58 2.95 -0.58 -3.72
CA ILE A 58 1.50 -0.34 -3.57
C ILE A 58 0.99 0.55 -4.70
N LYS A 59 1.45 1.78 -4.74
CA LYS A 59 1.00 2.69 -5.83
C LYS A 59 1.04 1.95 -7.16
N THR A 60 2.08 1.21 -7.41
CA THR A 60 2.18 0.45 -8.69
C THR A 60 1.03 -0.57 -8.79
N THR A 61 0.51 -1.00 -7.67
CA THR A 61 -0.60 -2.00 -7.72
C THR A 61 -1.86 -1.33 -8.28
N VAL A 62 -2.17 -0.15 -7.84
CA VAL A 62 -3.37 0.55 -8.34
C VAL A 62 -3.15 0.98 -9.79
N LYS A 63 -1.98 1.46 -10.11
CA LYS A 63 -1.69 1.88 -11.51
C LYS A 63 -1.69 0.66 -12.43
N GLU A 64 -1.29 -0.47 -11.92
CA GLU A 64 -1.27 -1.70 -12.75
C GLU A 64 -2.71 -2.17 -13.03
N LEU A 65 -3.61 -1.87 -12.14
CA LEU A 65 -5.02 -2.26 -12.34
C LEU A 65 -5.72 -1.25 -13.25
N ILE A 66 -5.19 -0.05 -13.32
CA ILE A 66 -5.81 0.99 -14.18
C ILE A 66 -5.45 0.74 -15.65
N SER A 67 -4.34 0.10 -15.89
CA SER A 67 -3.93 -0.19 -17.30
C SER A 67 -4.45 -1.56 -17.73
N LEU A 68 -4.58 -2.47 -16.81
CA LEU A 68 -5.09 -3.82 -17.18
C LEU A 68 -6.56 -3.97 -16.78
N GLU A 69 -7.04 -3.10 -15.94
CA GLU A 69 -8.46 -3.17 -15.50
C GLU A 69 -9.00 -1.78 -15.21
N HIS A 70 -8.69 -0.83 -16.04
CA HIS A 70 -9.17 0.56 -15.82
C HIS A 70 -10.63 0.55 -15.32
N ASP A 1 10.68 7.24 17.99
CA ASP A 1 11.55 6.04 18.18
C ASP A 1 12.85 6.44 18.88
N GLU A 2 12.89 7.61 19.47
CA GLU A 2 14.13 8.06 20.17
C GLU A 2 14.49 7.07 21.28
N PRO A 3 13.58 6.89 22.20
CA PRO A 3 13.80 5.97 23.33
C PRO A 3 13.71 4.51 22.88
N LEU A 4 12.88 4.23 21.91
CA LEU A 4 12.75 2.84 21.42
C LEU A 4 13.29 2.72 19.98
N ILE A 5 14.55 2.99 19.79
CA ILE A 5 15.13 2.89 18.43
C ILE A 5 15.29 1.42 18.03
N LYS A 6 15.34 0.54 18.99
CA LYS A 6 15.50 -0.91 18.68
C LYS A 6 14.47 -1.34 17.62
N LYS A 7 14.90 -1.53 16.41
CA LYS A 7 13.95 -1.94 15.34
C LYS A 7 13.84 -3.47 15.30
N LEU A 8 12.78 -4.01 15.83
CA LEU A 8 12.61 -5.49 15.82
C LEU A 8 11.13 -5.86 15.71
N LYS A 9 10.42 -5.25 14.79
CA LYS A 9 8.98 -5.56 14.63
C LYS A 9 8.77 -6.45 13.41
N LYS A 10 7.54 -6.56 12.94
CA LYS A 10 7.28 -7.41 11.75
C LYS A 10 6.41 -6.67 10.73
N PRO A 11 6.98 -6.42 9.58
CA PRO A 11 6.25 -5.70 8.50
C PRO A 11 5.20 -6.61 7.86
N PRO A 12 4.21 -5.99 7.29
CA PRO A 12 3.12 -6.75 6.63
C PRO A 12 3.60 -7.34 5.30
N THR A 13 3.66 -8.64 5.20
CA THR A 13 4.12 -9.28 3.92
C THR A 13 3.39 -8.66 2.73
N ASP A 14 3.96 -8.78 1.56
CA ASP A 14 3.30 -8.21 0.35
C ASP A 14 1.81 -8.56 0.35
N GLU A 15 1.46 -9.75 0.73
CA GLU A 15 0.03 -10.15 0.76
C GLU A 15 -0.77 -9.20 1.64
N GLU A 16 -0.18 -8.72 2.70
CA GLU A 16 -0.90 -7.79 3.60
C GLU A 16 -1.07 -6.42 2.94
N LEU A 17 -0.02 -5.89 2.38
CA LEU A 17 -0.11 -4.56 1.70
C LEU A 17 -1.17 -4.61 0.59
N LYS A 18 -1.00 -5.48 -0.37
CA LYS A 18 -2.00 -5.59 -1.46
C LYS A 18 -3.41 -5.61 -0.88
N GLU A 19 -3.63 -6.43 0.12
CA GLU A 19 -4.99 -6.50 0.74
C GLU A 19 -5.50 -5.09 1.03
N THR A 20 -4.73 -4.31 1.74
CA THR A 20 -5.17 -2.92 2.06
C THR A 20 -5.69 -2.23 0.79
N ILE A 21 -4.92 -2.24 -0.26
CA ILE A 21 -5.37 -1.59 -1.52
C ILE A 21 -6.61 -2.31 -2.05
N LYS A 22 -6.57 -3.61 -2.15
CA LYS A 22 -7.75 -4.36 -2.65
C LYS A 22 -9.01 -3.80 -2.00
N LYS A 23 -8.89 -3.25 -0.83
CA LYS A 23 -10.09 -2.68 -0.14
C LYS A 23 -10.37 -1.28 -0.68
N LEU A 24 -9.35 -0.56 -1.06
CA LEU A 24 -9.56 0.81 -1.60
C LEU A 24 -10.23 0.74 -2.97
N LEU A 25 -9.53 0.21 -3.95
CA LEU A 25 -10.12 0.11 -5.31
C LEU A 25 -11.47 -0.61 -5.26
N ALA A 26 -11.60 -1.60 -4.41
CA ALA A 26 -12.90 -2.33 -4.30
C ALA A 26 -13.97 -1.43 -3.70
N SER A 27 -13.60 -0.25 -3.28
CA SER A 27 -14.61 0.68 -2.67
C SER A 27 -14.49 2.06 -3.30
N ALA A 28 -13.95 2.15 -4.49
CA ALA A 28 -13.81 3.47 -5.17
C ALA A 28 -13.83 3.28 -6.68
N ASN A 29 -13.33 4.23 -7.42
CA ASN A 29 -13.31 4.11 -8.90
C ASN A 29 -11.87 3.99 -9.41
N LEU A 30 -11.52 2.87 -9.96
CA LEU A 30 -10.12 2.69 -10.47
C LEU A 30 -9.68 3.92 -11.26
N GLU A 31 -10.49 4.37 -12.18
CA GLU A 31 -10.11 5.56 -12.99
C GLU A 31 -10.16 6.85 -12.15
N GLU A 32 -10.52 6.74 -10.90
CA GLU A 32 -10.59 7.96 -10.05
C GLU A 32 -9.56 7.88 -8.91
N VAL A 33 -8.97 6.74 -8.71
CA VAL A 33 -7.97 6.61 -7.61
C VAL A 33 -6.55 6.66 -8.17
N THR A 34 -5.72 7.51 -7.64
CA THR A 34 -4.32 7.61 -8.15
C THR A 34 -3.33 7.40 -7.00
N MET A 35 -2.07 7.32 -7.29
CA MET A 35 -1.05 7.12 -6.21
C MET A 35 -1.25 8.16 -5.11
N LYS A 36 -1.76 9.32 -5.45
CA LYS A 36 -1.98 10.38 -4.43
C LYS A 36 -2.87 9.84 -3.31
N GLN A 37 -4.03 9.37 -3.64
CA GLN A 37 -4.95 8.81 -2.59
C GLN A 37 -4.48 7.41 -2.19
N ILE A 38 -4.06 6.63 -3.15
CA ILE A 38 -3.59 5.24 -2.82
C ILE A 38 -2.44 5.30 -1.82
N CYS A 39 -1.63 6.33 -1.88
CA CYS A 39 -0.48 6.44 -0.93
C CYS A 39 -0.97 6.98 0.42
N LYS A 40 -1.88 7.92 0.39
CA LYS A 40 -2.40 8.49 1.67
C LYS A 40 -3.22 7.44 2.41
N LYS A 41 -4.14 6.81 1.73
CA LYS A 41 -4.98 5.77 2.40
C LYS A 41 -4.10 4.60 2.84
N VAL A 42 -3.40 3.98 1.92
CA VAL A 42 -2.52 2.85 2.29
C VAL A 42 -1.71 3.23 3.53
N TYR A 43 -1.20 4.45 3.55
CA TYR A 43 -0.41 4.89 4.72
C TYR A 43 -1.27 4.80 5.98
N GLU A 44 -2.50 5.20 5.90
CA GLU A 44 -3.41 5.12 7.08
C GLU A 44 -3.30 3.72 7.69
N ASN A 45 -3.28 2.71 6.86
CA ASN A 45 -3.16 1.32 7.39
C ASN A 45 -1.71 0.97 7.64
N TYR A 46 -0.80 1.69 7.02
CA TYR A 46 0.65 1.40 7.23
C TYR A 46 1.39 2.69 7.62
N PRO A 47 0.84 3.40 8.58
CA PRO A 47 1.47 4.66 9.04
C PRO A 47 2.67 4.37 9.95
N THR A 48 2.44 3.75 11.08
CA THR A 48 3.56 3.44 12.00
C THR A 48 4.78 2.94 11.22
N TYR A 49 4.57 2.33 10.08
CA TYR A 49 5.71 1.81 9.29
C TYR A 49 6.18 2.87 8.27
N ASP A 50 7.45 2.87 7.95
CA ASP A 50 7.96 3.85 6.96
C ASP A 50 7.98 3.22 5.57
N LEU A 51 6.87 2.66 5.16
CA LEU A 51 6.80 2.02 3.83
C LEU A 51 7.57 2.83 2.78
N THR A 52 8.64 2.30 2.28
CA THR A 52 9.43 3.03 1.24
C THR A 52 9.46 2.20 -0.05
N GLU A 53 10.06 1.05 0.01
CA GLU A 53 10.12 0.18 -1.20
C GLU A 53 8.71 -0.34 -1.51
N ARG A 54 8.13 -1.05 -0.60
CA ARG A 54 6.75 -1.57 -0.84
C ARG A 54 5.83 -0.41 -1.19
N LYS A 55 6.12 0.76 -0.69
CA LYS A 55 5.28 1.94 -1.02
C LYS A 55 5.22 2.10 -2.54
N ASP A 56 6.36 2.08 -3.18
CA ASP A 56 6.36 2.21 -4.67
C ASP A 56 5.55 1.05 -5.27
N PHE A 57 5.53 -0.06 -4.59
CA PHE A 57 4.76 -1.23 -5.09
C PHE A 57 3.26 -0.95 -4.94
N ILE A 58 2.87 -0.31 -3.87
CA ILE A 58 1.42 0.00 -3.67
C ILE A 58 0.92 0.87 -4.82
N LYS A 59 1.34 2.10 -4.88
CA LYS A 59 0.89 2.99 -5.98
C LYS A 59 0.89 2.24 -7.31
N THR A 60 1.90 1.48 -7.57
CA THR A 60 1.97 0.71 -8.85
C THR A 60 0.87 -0.36 -8.87
N THR A 61 0.44 -0.82 -7.72
CA THR A 61 -0.62 -1.87 -7.69
C THR A 61 -1.93 -1.30 -8.26
N VAL A 62 -2.28 -0.10 -7.89
CA VAL A 62 -3.53 0.51 -8.42
C VAL A 62 -3.30 1.01 -9.84
N LYS A 63 -2.26 1.77 -10.06
CA LYS A 63 -1.99 2.28 -11.42
C LYS A 63 -1.89 1.12 -12.41
N GLU A 64 -1.41 -0.01 -11.95
CA GLU A 64 -1.30 -1.18 -12.87
C GLU A 64 -2.68 -1.77 -13.11
N LEU A 65 -3.55 -1.68 -12.15
CA LEU A 65 -4.93 -2.22 -12.32
C LEU A 65 -5.77 -1.19 -13.09
N ILE A 66 -5.36 0.04 -13.08
CA ILE A 66 -6.14 1.08 -13.82
C ILE A 66 -5.83 1.01 -15.31
N SER A 67 -4.68 0.52 -15.66
CA SER A 67 -4.31 0.41 -17.10
C SER A 67 -4.62 -0.99 -17.63
N LEU A 68 -4.43 -1.99 -16.83
CA LEU A 68 -4.71 -3.38 -17.30
C LEU A 68 -5.93 -3.97 -16.56
N GLU A 69 -6.72 -3.13 -15.94
CA GLU A 69 -7.92 -3.65 -15.21
C GLU A 69 -8.93 -2.53 -15.01
N HIS A 70 -8.92 -1.54 -15.87
CA HIS A 70 -9.90 -0.42 -15.73
C HIS A 70 -11.29 -0.96 -15.39
N ASP A 1 15.64 4.72 25.05
CA ASP A 1 16.03 6.15 24.89
C ASP A 1 17.48 6.26 24.47
N GLU A 2 18.39 5.79 25.28
CA GLU A 2 19.84 5.86 24.93
C GLU A 2 20.12 5.07 23.65
N PRO A 3 19.76 3.82 23.66
CA PRO A 3 19.97 2.95 22.49
C PRO A 3 19.01 3.31 21.36
N LEU A 4 17.80 3.68 21.69
CA LEU A 4 16.81 4.05 20.63
C LEU A 4 16.87 3.03 19.48
N ILE A 5 17.03 1.77 19.80
CA ILE A 5 17.10 0.74 18.73
C ILE A 5 15.72 0.52 18.11
N LYS A 6 15.66 0.28 16.83
CA LYS A 6 14.35 0.05 16.17
C LYS A 6 13.65 -1.15 16.82
N LYS A 7 12.38 -1.02 17.09
CA LYS A 7 11.63 -2.15 17.73
C LYS A 7 10.37 -2.49 16.91
N LEU A 8 10.40 -2.25 15.63
CA LEU A 8 9.20 -2.56 14.79
C LEU A 8 9.50 -3.73 13.87
N LYS A 9 9.87 -4.86 14.43
CA LYS A 9 10.17 -6.04 13.58
C LYS A 9 8.88 -6.82 13.27
N LYS A 10 7.89 -6.15 12.75
CA LYS A 10 6.60 -6.84 12.43
C LYS A 10 5.91 -6.15 11.24
N PRO A 11 6.63 -6.05 10.16
CA PRO A 11 6.09 -5.41 8.94
C PRO A 11 5.08 -6.34 8.26
N PRO A 12 4.07 -5.74 7.68
CA PRO A 12 3.01 -6.52 7.00
C PRO A 12 3.55 -7.08 5.67
N THR A 13 3.75 -8.37 5.62
CA THR A 13 4.27 -8.99 4.37
C THR A 13 3.55 -8.41 3.15
N ASP A 14 4.12 -8.56 1.98
CA ASP A 14 3.47 -8.01 0.75
C ASP A 14 1.99 -8.42 0.72
N GLU A 15 1.71 -9.64 1.10
CA GLU A 15 0.29 -10.10 1.08
C GLU A 15 -0.59 -9.11 1.86
N GLU A 16 -0.07 -8.56 2.92
CA GLU A 16 -0.87 -7.58 3.72
C GLU A 16 -1.03 -6.27 2.94
N LEU A 17 0.05 -5.77 2.39
CA LEU A 17 -0.04 -4.50 1.62
C LEU A 17 -1.09 -4.63 0.51
N LYS A 18 -0.86 -5.49 -0.44
CA LYS A 18 -1.86 -5.66 -1.54
C LYS A 18 -3.27 -5.73 -0.95
N GLU A 19 -3.45 -6.52 0.07
CA GLU A 19 -4.80 -6.63 0.69
C GLU A 19 -5.35 -5.23 1.02
N THR A 20 -4.64 -4.48 1.82
CA THR A 20 -5.12 -3.11 2.17
C THR A 20 -5.57 -2.37 0.91
N ILE A 21 -4.77 -2.39 -0.13
CA ILE A 21 -5.17 -1.69 -1.38
C ILE A 21 -6.41 -2.35 -1.99
N LYS A 22 -6.44 -3.64 -2.04
CA LYS A 22 -7.62 -4.34 -2.62
C LYS A 22 -8.91 -3.70 -2.09
N LYS A 23 -8.87 -3.19 -0.89
CA LYS A 23 -10.08 -2.53 -0.32
C LYS A 23 -10.17 -1.09 -0.82
N LEU A 24 -9.06 -0.43 -0.94
CA LEU A 24 -9.08 0.99 -1.43
C LEU A 24 -9.84 1.06 -2.75
N LEU A 25 -9.29 0.51 -3.80
CA LEU A 25 -9.99 0.56 -5.12
C LEU A 25 -11.38 -0.09 -5.00
N ALA A 26 -11.47 -1.14 -4.24
CA ALA A 26 -12.79 -1.82 -4.07
C ALA A 26 -13.87 -0.80 -3.68
N SER A 27 -13.48 0.24 -2.98
CA SER A 27 -14.47 1.28 -2.56
C SER A 27 -14.24 2.57 -3.33
N ALA A 28 -13.30 2.57 -4.25
CA ALA A 28 -13.02 3.81 -5.04
C ALA A 28 -12.97 3.46 -6.53
N ASN A 29 -13.16 4.43 -7.37
CA ASN A 29 -13.11 4.16 -8.83
C ASN A 29 -11.66 3.92 -9.28
N LEU A 30 -11.41 2.82 -9.95
CA LEU A 30 -10.02 2.53 -10.41
C LEU A 30 -9.54 3.59 -11.40
N GLU A 31 -10.34 3.89 -12.39
CA GLU A 31 -9.92 4.91 -13.39
C GLU A 31 -10.02 6.32 -12.82
N GLU A 32 -10.39 6.45 -11.57
CA GLU A 32 -10.50 7.80 -10.96
C GLU A 32 -9.70 7.87 -9.67
N VAL A 33 -8.78 6.98 -9.47
CA VAL A 33 -7.95 6.99 -8.24
C VAL A 33 -6.50 7.32 -8.57
N THR A 34 -5.99 8.40 -8.03
CA THR A 34 -4.58 8.78 -8.33
C THR A 34 -3.65 8.26 -7.23
N MET A 35 -2.39 8.13 -7.52
CA MET A 35 -1.44 7.63 -6.48
C MET A 35 -1.69 8.34 -5.14
N LYS A 36 -2.19 9.55 -5.19
CA LYS A 36 -2.46 10.28 -3.92
C LYS A 36 -3.54 9.56 -3.11
N GLN A 37 -4.53 9.03 -3.77
CA GLN A 37 -5.61 8.31 -3.03
C GLN A 37 -5.09 6.96 -2.53
N ILE A 38 -4.26 6.30 -3.29
CA ILE A 38 -3.71 4.99 -2.86
C ILE A 38 -2.66 5.20 -1.76
N CYS A 39 -1.86 6.22 -1.88
CA CYS A 39 -0.82 6.48 -0.85
C CYS A 39 -1.47 7.03 0.43
N LYS A 40 -2.57 7.70 0.29
CA LYS A 40 -3.26 8.25 1.50
C LYS A 40 -3.91 7.12 2.30
N LYS A 41 -4.79 6.37 1.68
CA LYS A 41 -5.45 5.25 2.40
C LYS A 41 -4.41 4.24 2.88
N VAL A 42 -3.62 3.73 1.97
CA VAL A 42 -2.57 2.74 2.37
C VAL A 42 -1.87 3.22 3.65
N TYR A 43 -1.25 4.37 3.61
CA TYR A 43 -0.56 4.88 4.82
C TYR A 43 -1.48 4.73 6.03
N GLU A 44 -2.73 5.08 5.88
CA GLU A 44 -3.68 4.95 7.02
C GLU A 44 -3.51 3.59 7.70
N ASN A 45 -3.42 2.54 6.93
CA ASN A 45 -3.25 1.19 7.52
C ASN A 45 -1.76 0.89 7.73
N TYR A 46 -0.90 1.73 7.23
CA TYR A 46 0.57 1.50 7.40
C TYR A 46 1.25 2.80 7.85
N PRO A 47 0.72 3.37 8.90
CA PRO A 47 1.28 4.64 9.44
C PRO A 47 2.60 4.38 10.16
N THR A 48 2.61 3.47 11.10
CA THR A 48 3.87 3.17 11.84
C THR A 48 4.74 2.20 11.04
N TYR A 49 4.91 2.44 9.77
CA TYR A 49 5.74 1.53 8.94
C TYR A 49 6.57 2.34 7.93
N ASP A 50 7.84 2.07 7.85
CA ASP A 50 8.71 2.81 6.90
C ASP A 50 8.49 2.29 5.48
N LEU A 51 7.28 2.37 4.99
CA LEU A 51 7.00 1.87 3.62
C LEU A 51 7.70 2.74 2.57
N THR A 52 8.79 2.26 2.04
CA THR A 52 9.52 3.04 1.00
C THR A 52 9.58 2.22 -0.29
N GLU A 53 10.16 1.06 -0.22
CA GLU A 53 10.23 0.19 -1.43
C GLU A 53 8.84 -0.37 -1.71
N ARG A 54 8.26 -1.06 -0.76
CA ARG A 54 6.90 -1.60 -0.97
C ARG A 54 5.94 -0.44 -1.24
N LYS A 55 6.31 0.74 -0.81
CA LYS A 55 5.44 1.92 -1.07
C LYS A 55 5.29 2.11 -2.58
N ASP A 56 6.39 2.22 -3.27
CA ASP A 56 6.33 2.38 -4.74
C ASP A 56 5.51 1.22 -5.32
N PHE A 57 5.56 0.08 -4.68
CA PHE A 57 4.80 -1.09 -5.18
C PHE A 57 3.30 -0.82 -5.00
N ILE A 58 2.91 -0.30 -3.87
CA ILE A 58 1.46 -0.01 -3.64
C ILE A 58 0.94 0.92 -4.75
N LYS A 59 1.38 2.14 -4.76
CA LYS A 59 0.92 3.08 -5.82
C LYS A 59 0.91 2.37 -7.18
N THR A 60 1.95 1.63 -7.49
CA THR A 60 2.00 0.92 -8.79
C THR A 60 0.96 -0.20 -8.83
N THR A 61 0.62 -0.75 -7.70
CA THR A 61 -0.39 -1.86 -7.69
C THR A 61 -1.72 -1.35 -8.25
N VAL A 62 -2.16 -0.19 -7.83
CA VAL A 62 -3.43 0.36 -8.36
C VAL A 62 -3.21 0.85 -9.79
N LYS A 63 -2.23 1.67 -10.01
CA LYS A 63 -1.97 2.17 -11.38
C LYS A 63 -1.97 1.00 -12.36
N GLU A 64 -1.39 -0.10 -11.96
CA GLU A 64 -1.37 -1.29 -12.86
C GLU A 64 -2.79 -1.82 -13.07
N LEU A 65 -3.60 -1.75 -12.03
CA LEU A 65 -5.00 -2.23 -12.15
C LEU A 65 -5.84 -1.13 -12.84
N ILE A 66 -5.35 0.07 -12.86
CA ILE A 66 -6.12 1.17 -13.50
C ILE A 66 -6.06 1.03 -15.02
N SER A 67 -4.99 0.50 -15.53
CA SER A 67 -4.87 0.33 -17.02
C SER A 67 -5.17 -1.12 -17.42
N LEU A 68 -4.82 -2.06 -16.59
CA LEU A 68 -5.09 -3.48 -16.94
C LEU A 68 -6.16 -4.07 -16.03
N GLU A 69 -7.11 -3.26 -15.63
CA GLU A 69 -8.19 -3.77 -14.74
C GLU A 69 -9.09 -2.62 -14.27
N HIS A 70 -9.35 -1.67 -15.13
CA HIS A 70 -10.22 -0.53 -14.74
C HIS A 70 -11.54 -1.04 -14.17
N ASP A 1 25.92 -9.26 4.14
CA ASP A 1 24.45 -9.32 3.91
C ASP A 1 23.88 -10.63 4.48
N GLU A 2 24.41 -11.74 4.06
CA GLU A 2 23.89 -13.04 4.57
C GLU A 2 23.86 -13.03 6.10
N PRO A 3 24.99 -12.73 6.68
CA PRO A 3 25.09 -12.67 8.16
C PRO A 3 24.41 -11.42 8.71
N LEU A 4 24.68 -10.29 8.13
CA LEU A 4 24.05 -9.03 8.62
C LEU A 4 23.13 -8.44 7.55
N ILE A 5 21.92 -8.90 7.47
CA ILE A 5 20.97 -8.36 6.45
C ILE A 5 20.59 -6.92 6.79
N LYS A 6 20.19 -6.16 5.81
CA LYS A 6 19.81 -4.74 6.09
C LYS A 6 18.28 -4.61 6.11
N LYS A 7 17.68 -4.75 7.27
CA LYS A 7 16.21 -4.63 7.35
C LYS A 7 15.82 -3.60 8.42
N LEU A 8 14.60 -3.14 8.41
CA LEU A 8 14.18 -2.13 9.42
C LEU A 8 12.75 -2.43 9.90
N LYS A 9 12.57 -2.64 11.18
CA LYS A 9 11.21 -2.94 11.71
C LYS A 9 10.66 -4.20 11.04
N LYS A 10 9.37 -4.38 11.08
CA LYS A 10 8.76 -5.60 10.44
C LYS A 10 7.62 -5.18 9.50
N PRO A 11 7.94 -5.09 8.25
CA PRO A 11 6.94 -4.70 7.23
C PRO A 11 5.92 -5.82 7.02
N PRO A 12 4.73 -5.44 6.67
CA PRO A 12 3.64 -6.41 6.44
C PRO A 12 3.90 -7.18 5.14
N THR A 13 3.85 -8.49 5.20
CA THR A 13 4.09 -9.30 3.97
C THR A 13 3.39 -8.67 2.77
N ASP A 14 3.98 -8.75 1.61
CA ASP A 14 3.33 -8.15 0.40
C ASP A 14 1.85 -8.50 0.36
N GLU A 15 1.49 -9.66 0.85
CA GLU A 15 0.05 -10.07 0.85
C GLU A 15 -0.77 -9.07 1.67
N GLU A 16 -0.34 -8.77 2.86
CA GLU A 16 -1.11 -7.80 3.70
C GLU A 16 -1.15 -6.43 3.03
N LEU A 17 -0.05 -6.00 2.46
CA LEU A 17 -0.02 -4.68 1.78
C LEU A 17 -1.06 -4.65 0.66
N LYS A 18 -0.99 -5.58 -0.25
CA LYS A 18 -1.98 -5.61 -1.36
C LYS A 18 -3.40 -5.67 -0.80
N GLU A 19 -3.63 -6.53 0.15
CA GLU A 19 -5.00 -6.64 0.75
C GLU A 19 -5.50 -5.24 1.13
N THR A 20 -4.63 -4.39 1.60
CA THR A 20 -5.07 -3.02 1.98
C THR A 20 -5.46 -2.22 0.74
N ILE A 21 -4.66 -2.27 -0.28
CA ILE A 21 -5.00 -1.51 -1.52
C ILE A 21 -6.25 -2.08 -2.18
N LYS A 22 -6.24 -3.35 -2.47
CA LYS A 22 -7.45 -3.95 -3.12
C LYS A 22 -8.70 -3.59 -2.31
N LYS A 23 -8.53 -3.27 -1.05
CA LYS A 23 -9.70 -2.90 -0.22
C LYS A 23 -10.09 -1.44 -0.49
N LEU A 24 -9.15 -0.62 -0.88
CA LEU A 24 -9.47 0.80 -1.18
C LEU A 24 -10.23 0.90 -2.50
N LEU A 25 -9.67 0.40 -3.56
CA LEU A 25 -10.34 0.45 -4.89
C LEU A 25 -11.71 -0.22 -4.81
N ALA A 26 -11.82 -1.29 -4.06
CA ALA A 26 -13.13 -1.98 -3.95
C ALA A 26 -14.22 -1.02 -3.47
N SER A 27 -13.82 0.11 -2.94
CA SER A 27 -14.82 1.10 -2.45
C SER A 27 -14.79 2.36 -3.30
N ALA A 28 -14.13 2.31 -4.44
CA ALA A 28 -14.06 3.51 -5.32
C ALA A 28 -13.96 3.08 -6.79
N ASN A 29 -14.03 4.00 -7.69
CA ASN A 29 -13.95 3.64 -9.14
C ASN A 29 -12.48 3.63 -9.59
N LEU A 30 -11.99 2.50 -10.01
CA LEU A 30 -10.57 2.42 -10.45
C LEU A 30 -10.23 3.61 -11.35
N GLU A 31 -11.06 3.88 -12.32
CA GLU A 31 -10.78 5.04 -13.24
C GLU A 31 -10.82 6.35 -12.46
N GLU A 32 -11.33 6.32 -11.25
CA GLU A 32 -11.40 7.57 -10.45
C GLU A 32 -10.42 7.51 -9.27
N VAL A 33 -9.33 6.81 -9.43
CA VAL A 33 -8.34 6.71 -8.31
C VAL A 33 -6.97 7.18 -8.80
N THR A 34 -6.37 8.12 -8.10
CA THR A 34 -5.04 8.62 -8.53
C THR A 34 -3.98 8.24 -7.49
N MET A 35 -2.73 8.45 -7.80
CA MET A 35 -1.65 8.10 -6.83
C MET A 35 -1.83 8.88 -5.53
N LYS A 36 -2.30 10.10 -5.62
CA LYS A 36 -2.50 10.90 -4.39
C LYS A 36 -3.34 10.13 -3.38
N GLN A 37 -4.42 9.54 -3.81
CA GLN A 37 -5.28 8.77 -2.88
C GLN A 37 -4.54 7.50 -2.41
N ILE A 38 -4.26 6.60 -3.30
CA ILE A 38 -3.55 5.36 -2.90
C ILE A 38 -2.40 5.69 -1.96
N CYS A 39 -1.81 6.85 -2.11
CA CYS A 39 -0.67 7.23 -1.22
C CYS A 39 -1.18 7.46 0.21
N LYS A 40 -2.00 8.46 0.40
CA LYS A 40 -2.52 8.74 1.78
C LYS A 40 -3.37 7.57 2.27
N LYS A 41 -3.94 6.82 1.38
CA LYS A 41 -4.78 5.65 1.81
C LYS A 41 -3.90 4.56 2.39
N VAL A 42 -3.13 3.88 1.57
CA VAL A 42 -2.25 2.80 2.09
C VAL A 42 -1.56 3.28 3.37
N TYR A 43 -0.86 4.38 3.31
CA TYR A 43 -0.18 4.90 4.53
C TYR A 43 -1.12 4.83 5.72
N GLU A 44 -2.35 5.25 5.55
CA GLU A 44 -3.32 5.19 6.67
C GLU A 44 -3.32 3.79 7.28
N ASN A 45 -3.28 2.79 6.46
CA ASN A 45 -3.26 1.39 6.98
C ASN A 45 -1.83 0.99 7.33
N TYR A 46 -0.86 1.76 6.91
CA TYR A 46 0.56 1.42 7.23
C TYR A 46 1.30 2.67 7.70
N PRO A 47 0.74 3.32 8.68
CA PRO A 47 1.35 4.55 9.24
C PRO A 47 2.53 4.20 10.13
N THR A 48 2.33 3.35 11.11
CA THR A 48 3.45 2.96 12.02
C THR A 48 4.56 2.26 11.24
N TYR A 49 4.31 1.91 10.00
CA TYR A 49 5.35 1.22 9.20
C TYR A 49 6.08 2.23 8.30
N ASP A 50 7.34 2.01 8.05
CA ASP A 50 8.11 2.95 7.17
C ASP A 50 8.12 2.41 5.74
N LEU A 51 6.98 2.01 5.24
CA LEU A 51 6.91 1.46 3.86
C LEU A 51 7.79 2.28 2.91
N THR A 52 8.86 1.71 2.44
CA THR A 52 9.74 2.44 1.48
C THR A 52 9.80 1.68 0.16
N GLU A 53 10.35 0.49 0.19
CA GLU A 53 10.40 -0.32 -1.07
C GLU A 53 9.00 -0.83 -1.38
N ARG A 54 8.36 -1.44 -0.44
CA ARG A 54 6.98 -1.94 -0.67
C ARG A 54 6.06 -0.74 -0.94
N LYS A 55 6.46 0.42 -0.51
CA LYS A 55 5.63 1.63 -0.76
C LYS A 55 5.55 1.88 -2.26
N ASP A 56 6.68 2.02 -2.91
CA ASP A 56 6.65 2.23 -4.38
C ASP A 56 5.83 1.10 -5.03
N PHE A 57 5.83 -0.05 -4.41
CA PHE A 57 5.05 -1.18 -4.97
C PHE A 57 3.55 -0.88 -4.84
N ILE A 58 3.16 -0.28 -3.75
CA ILE A 58 1.72 0.05 -3.56
C ILE A 58 1.25 1.01 -4.67
N LYS A 59 1.79 2.20 -4.69
CA LYS A 59 1.37 3.18 -5.74
C LYS A 59 1.28 2.49 -7.09
N THR A 60 2.25 1.68 -7.43
CA THR A 60 2.22 0.97 -8.75
C THR A 60 1.14 -0.12 -8.74
N THR A 61 0.79 -0.62 -7.59
CA THR A 61 -0.26 -1.68 -7.54
C THR A 61 -1.58 -1.13 -8.07
N VAL A 62 -1.87 0.11 -7.80
CA VAL A 62 -3.13 0.72 -8.29
C VAL A 62 -2.93 1.20 -9.73
N LYS A 63 -1.81 1.82 -9.99
CA LYS A 63 -1.54 2.31 -11.38
C LYS A 63 -1.58 1.14 -12.36
N GLU A 64 -1.20 -0.03 -11.91
CA GLU A 64 -1.22 -1.22 -12.81
C GLU A 64 -2.64 -1.79 -12.85
N LEU A 65 -3.39 -1.60 -11.81
CA LEU A 65 -4.78 -2.11 -11.78
C LEU A 65 -5.66 -1.17 -12.61
N ILE A 66 -5.25 0.07 -12.72
CA ILE A 66 -6.05 1.04 -13.51
C ILE A 66 -5.74 0.87 -15.00
N SER A 67 -4.57 0.40 -15.32
CA SER A 67 -4.19 0.22 -16.76
C SER A 67 -4.39 -1.24 -17.17
N LEU A 68 -4.21 -2.17 -16.27
CA LEU A 68 -4.37 -3.60 -16.63
C LEU A 68 -5.52 -4.24 -15.83
N GLU A 69 -6.45 -3.45 -15.37
CA GLU A 69 -7.58 -4.03 -14.58
C GLU A 69 -8.65 -2.97 -14.33
N HIS A 70 -8.93 -2.14 -15.31
CA HIS A 70 -9.96 -1.07 -15.11
C HIS A 70 -11.28 -1.70 -14.65
N ASP A 1 13.06 -1.12 29.30
CA ASP A 1 11.86 -1.42 28.44
C ASP A 1 11.49 -2.89 28.56
N GLU A 2 11.81 -3.51 29.66
CA GLU A 2 11.46 -4.95 29.84
C GLU A 2 9.97 -5.12 30.14
N PRO A 3 9.51 -4.43 31.15
CA PRO A 3 8.09 -4.52 31.55
C PRO A 3 7.20 -3.77 30.54
N LEU A 4 7.79 -3.18 29.54
CA LEU A 4 6.98 -2.45 28.52
C LEU A 4 7.55 -2.68 27.12
N ILE A 5 7.13 -3.71 26.47
CA ILE A 5 7.65 -4.00 25.10
C ILE A 5 6.67 -3.45 24.05
N LYS A 6 7.18 -2.81 23.02
CA LYS A 6 6.28 -2.26 21.98
C LYS A 6 5.61 -3.40 21.20
N LYS A 7 4.59 -3.10 20.45
CA LYS A 7 3.90 -4.17 19.67
C LYS A 7 3.71 -3.73 18.22
N LEU A 8 4.58 -2.90 17.72
CA LEU A 8 4.46 -2.44 16.31
C LEU A 8 5.79 -2.61 15.57
N LYS A 9 6.44 -3.74 15.75
CA LYS A 9 7.73 -3.97 15.07
C LYS A 9 7.62 -5.15 14.10
N LYS A 10 6.53 -5.23 13.38
CA LYS A 10 6.36 -6.35 12.41
C LYS A 10 5.66 -5.84 11.14
N PRO A 11 6.44 -5.59 10.14
CA PRO A 11 5.91 -5.09 8.85
C PRO A 11 5.16 -6.21 8.11
N PRO A 12 4.18 -5.80 7.36
CA PRO A 12 3.34 -6.77 6.59
C PRO A 12 4.11 -7.27 5.37
N THR A 13 3.63 -8.28 4.71
CA THR A 13 4.33 -8.81 3.50
C THR A 13 3.66 -8.28 2.24
N ASP A 14 4.28 -8.46 1.11
CA ASP A 14 3.67 -7.96 -0.16
C ASP A 14 2.21 -8.39 -0.26
N GLU A 15 1.91 -9.58 0.18
CA GLU A 15 0.50 -10.06 0.13
C GLU A 15 -0.41 -9.21 1.01
N GLU A 16 0.07 -8.84 2.17
CA GLU A 16 -0.76 -8.00 3.08
C GLU A 16 -1.03 -6.64 2.44
N LEU A 17 -0.02 -6.04 1.86
CA LEU A 17 -0.22 -4.71 1.21
C LEU A 17 -1.35 -4.80 0.18
N LYS A 18 -1.28 -5.72 -0.73
CA LYS A 18 -2.35 -5.85 -1.75
C LYS A 18 -3.73 -5.87 -1.07
N GLU A 19 -3.88 -6.67 -0.04
CA GLU A 19 -5.19 -6.73 0.66
C GLU A 19 -5.65 -5.32 1.04
N THR A 20 -4.84 -4.60 1.77
CA THR A 20 -5.24 -3.21 2.17
C THR A 20 -5.65 -2.41 0.94
N ILE A 21 -4.81 -2.36 -0.06
CA ILE A 21 -5.17 -1.59 -1.29
C ILE A 21 -6.51 -2.09 -1.84
N LYS A 22 -6.66 -3.37 -1.98
CA LYS A 22 -7.95 -3.91 -2.51
C LYS A 22 -9.12 -3.23 -1.81
N LYS A 23 -8.96 -2.88 -0.56
CA LYS A 23 -10.06 -2.21 0.18
C LYS A 23 -10.13 -0.74 -0.25
N LEU A 24 -9.05 -0.21 -0.75
CA LEU A 24 -9.05 1.22 -1.18
C LEU A 24 -9.84 1.37 -2.48
N LEU A 25 -9.34 0.87 -3.57
CA LEU A 25 -10.07 0.99 -4.86
C LEU A 25 -11.47 0.37 -4.72
N ALA A 26 -11.59 -0.70 -3.99
CA ALA A 26 -12.93 -1.34 -3.83
C ALA A 26 -13.96 -0.30 -3.40
N SER A 27 -13.51 0.74 -2.73
CA SER A 27 -14.46 1.80 -2.28
C SER A 27 -14.35 3.03 -3.20
N ALA A 28 -14.07 2.80 -4.46
CA ALA A 28 -13.94 3.95 -5.41
C ALA A 28 -13.73 3.42 -6.83
N ASN A 29 -13.86 4.28 -7.82
CA ASN A 29 -13.67 3.82 -9.22
C ASN A 29 -12.18 3.72 -9.54
N LEU A 30 -11.70 2.54 -9.82
CA LEU A 30 -10.25 2.36 -10.12
C LEU A 30 -9.76 3.45 -11.08
N GLU A 31 -10.46 3.67 -12.15
CA GLU A 31 -10.02 4.72 -13.13
C GLU A 31 -10.24 6.12 -12.56
N GLU A 32 -10.84 6.22 -11.40
CA GLU A 32 -11.09 7.56 -10.81
C GLU A 32 -10.17 7.79 -9.62
N VAL A 33 -9.15 6.99 -9.47
CA VAL A 33 -8.22 7.17 -8.32
C VAL A 33 -6.79 7.38 -8.83
N THR A 34 -5.95 8.00 -8.04
CA THR A 34 -4.55 8.25 -8.49
C THR A 34 -3.56 7.82 -7.40
N MET A 35 -2.30 8.01 -7.63
CA MET A 35 -1.28 7.62 -6.62
C MET A 35 -1.52 8.37 -5.31
N LYS A 36 -2.04 9.57 -5.39
CA LYS A 36 -2.30 10.36 -4.16
C LYS A 36 -3.29 9.62 -3.26
N GLN A 37 -4.32 9.06 -3.81
CA GLN A 37 -5.31 8.31 -2.98
C GLN A 37 -4.69 7.02 -2.45
N ILE A 38 -4.12 6.22 -3.32
CA ILE A 38 -3.50 4.95 -2.87
C ILE A 38 -2.37 5.23 -1.87
N CYS A 39 -1.64 6.28 -2.06
CA CYS A 39 -0.52 6.60 -1.12
C CYS A 39 -1.08 7.04 0.23
N LYS A 40 -2.05 7.92 0.25
CA LYS A 40 -2.61 8.37 1.54
C LYS A 40 -3.41 7.24 2.21
N LYS A 41 -4.12 6.46 1.44
CA LYS A 41 -4.92 5.35 2.01
C LYS A 41 -3.99 4.24 2.51
N VAL A 42 -3.25 3.63 1.62
CA VAL A 42 -2.33 2.52 2.05
C VAL A 42 -1.60 2.92 3.34
N TYR A 43 -1.16 4.15 3.41
CA TYR A 43 -0.45 4.60 4.64
C TYR A 43 -1.37 4.47 5.86
N GLU A 44 -2.59 4.93 5.73
CA GLU A 44 -3.53 4.82 6.88
C GLU A 44 -3.44 3.40 7.46
N ASN A 45 -3.38 2.41 6.62
CA ASN A 45 -3.28 1.01 7.12
C ASN A 45 -1.83 0.71 7.52
N TYR A 46 -0.90 1.48 7.04
CA TYR A 46 0.53 1.24 7.38
C TYR A 46 1.19 2.54 7.83
N PRO A 47 0.62 3.14 8.83
CA PRO A 47 1.15 4.42 9.36
C PRO A 47 2.39 4.18 10.23
N THR A 48 2.25 3.42 11.29
CA THR A 48 3.42 3.15 12.18
C THR A 48 4.62 2.66 11.37
N TYR A 49 4.40 2.18 10.17
CA TYR A 49 5.54 1.69 9.35
C TYR A 49 6.02 2.77 8.37
N ASP A 50 7.29 2.83 8.13
CA ASP A 50 7.82 3.85 7.16
C ASP A 50 7.86 3.24 5.76
N LEU A 51 6.79 2.62 5.35
CA LEU A 51 6.76 1.98 4.00
C LEU A 51 7.48 2.85 2.96
N THR A 52 8.64 2.43 2.54
CA THR A 52 9.39 3.21 1.52
C THR A 52 9.51 2.37 0.24
N GLU A 53 10.17 1.26 0.32
CA GLU A 53 10.31 0.38 -0.88
C GLU A 53 8.94 -0.18 -1.24
N ARG A 54 8.37 -0.97 -0.38
CA ARG A 54 7.03 -1.55 -0.67
C ARG A 54 6.08 -0.41 -1.04
N LYS A 55 6.35 0.78 -0.56
CA LYS A 55 5.48 1.94 -0.90
C LYS A 55 5.43 2.10 -2.42
N ASP A 56 6.57 2.25 -3.04
CA ASP A 56 6.58 2.40 -4.52
C ASP A 56 5.82 1.23 -5.14
N PHE A 57 5.82 0.10 -4.47
CA PHE A 57 5.09 -1.08 -5.01
C PHE A 57 3.58 -0.85 -4.86
N ILE A 58 3.14 -0.46 -3.69
CA ILE A 58 1.68 -0.22 -3.50
C ILE A 58 1.14 0.64 -4.63
N LYS A 59 1.50 1.89 -4.67
CA LYS A 59 1.02 2.77 -5.77
C LYS A 59 1.10 2.03 -7.11
N THR A 60 2.18 1.34 -7.34
CA THR A 60 2.33 0.60 -8.62
C THR A 60 1.27 -0.51 -8.73
N THR A 61 0.78 -0.97 -7.61
CA THR A 61 -0.25 -2.06 -7.66
C THR A 61 -1.57 -1.50 -8.20
N VAL A 62 -1.92 -0.30 -7.82
CA VAL A 62 -3.19 0.30 -8.32
C VAL A 62 -3.00 0.82 -9.75
N LYS A 63 -1.93 1.53 -9.98
CA LYS A 63 -1.68 2.06 -11.35
C LYS A 63 -1.81 0.92 -12.37
N GLU A 64 -1.35 -0.25 -12.02
CA GLU A 64 -1.45 -1.40 -12.97
C GLU A 64 -2.88 -1.96 -12.92
N LEU A 65 -3.55 -1.81 -11.82
CA LEU A 65 -4.94 -2.32 -11.72
C LEU A 65 -5.87 -1.35 -12.45
N ILE A 66 -5.43 -0.14 -12.65
CA ILE A 66 -6.28 0.86 -13.35
C ILE A 66 -6.11 0.72 -14.86
N SER A 67 -4.96 0.25 -15.30
CA SER A 67 -4.72 0.10 -16.76
C SER A 67 -5.06 -1.32 -17.19
N LEU A 68 -4.82 -2.29 -16.36
CA LEU A 68 -5.12 -3.70 -16.73
C LEU A 68 -6.47 -4.12 -16.14
N GLU A 69 -6.81 -3.64 -14.98
CA GLU A 69 -8.10 -4.02 -14.36
C GLU A 69 -8.95 -2.78 -14.10
N HIS A 70 -8.98 -1.86 -15.01
CA HIS A 70 -9.79 -0.61 -14.81
C HIS A 70 -11.15 -0.98 -14.21
N ASP A 1 17.88 -8.28 23.24
CA ASP A 1 16.80 -9.30 23.16
C ASP A 1 17.03 -10.23 21.97
N GLU A 2 18.27 -10.54 21.67
CA GLU A 2 18.55 -11.44 20.53
C GLU A 2 18.05 -12.86 20.81
N PRO A 3 18.44 -13.37 21.94
CA PRO A 3 18.02 -14.75 22.33
C PRO A 3 16.56 -14.74 22.78
N LEU A 4 16.02 -13.59 23.07
CA LEU A 4 14.59 -13.52 23.51
C LEU A 4 13.66 -13.42 22.29
N ILE A 5 14.21 -13.10 21.15
CA ILE A 5 13.36 -13.00 19.92
C ILE A 5 12.22 -12.00 20.15
N LYS A 6 11.12 -12.45 20.69
CA LYS A 6 9.98 -11.52 20.93
C LYS A 6 9.48 -10.93 19.61
N LYS A 7 8.35 -10.29 19.63
CA LYS A 7 7.81 -9.68 18.38
C LYS A 7 7.07 -8.37 18.70
N LEU A 8 7.77 -7.40 19.22
CA LEU A 8 7.11 -6.10 19.55
C LEU A 8 6.62 -5.41 18.28
N LYS A 9 7.38 -5.50 17.21
CA LYS A 9 6.95 -4.85 15.93
C LYS A 9 6.85 -5.88 14.81
N LYS A 10 5.84 -5.78 13.99
CA LYS A 10 5.69 -6.76 12.87
C LYS A 10 5.23 -6.05 11.60
N PRO A 11 6.09 -6.04 10.62
CA PRO A 11 5.76 -5.39 9.32
C PRO A 11 4.80 -6.27 8.51
N PRO A 12 3.85 -5.62 7.90
CA PRO A 12 2.85 -6.34 7.08
C PRO A 12 3.46 -6.79 5.75
N THR A 13 3.70 -8.05 5.59
CA THR A 13 4.30 -8.53 4.30
C THR A 13 3.47 -8.03 3.11
N ASP A 14 3.98 -8.18 1.92
CA ASP A 14 3.21 -7.72 0.73
C ASP A 14 1.76 -8.21 0.81
N GLU A 15 1.57 -9.42 1.24
CA GLU A 15 0.19 -9.97 1.34
C GLU A 15 -0.73 -8.95 2.05
N GLU A 16 -0.23 -8.30 3.06
CA GLU A 16 -1.06 -7.31 3.79
C GLU A 16 -1.13 -6.00 3.00
N LEU A 17 -0.08 -5.67 2.31
CA LEU A 17 -0.09 -4.41 1.50
C LEU A 17 -1.11 -4.53 0.37
N LYS A 18 -0.94 -5.49 -0.50
CA LYS A 18 -1.90 -5.66 -1.62
C LYS A 18 -3.33 -5.72 -1.08
N GLU A 19 -3.56 -6.50 -0.06
CA GLU A 19 -4.93 -6.60 0.51
C GLU A 19 -5.47 -5.20 0.82
N THR A 20 -4.80 -4.46 1.65
CA THR A 20 -5.27 -3.08 1.98
C THR A 20 -5.71 -2.37 0.71
N ILE A 21 -4.91 -2.39 -0.31
CA ILE A 21 -5.29 -1.71 -1.58
C ILE A 21 -6.56 -2.35 -2.14
N LYS A 22 -6.57 -3.65 -2.29
CA LYS A 22 -7.79 -4.32 -2.82
C LYS A 22 -9.03 -3.76 -2.14
N LYS A 23 -8.89 -3.28 -0.94
CA LYS A 23 -10.07 -2.71 -0.22
C LYS A 23 -10.32 -1.28 -0.70
N LEU A 24 -9.29 -0.61 -1.13
CA LEU A 24 -9.47 0.79 -1.63
C LEU A 24 -10.20 0.79 -2.98
N LEU A 25 -9.61 0.20 -3.98
CA LEU A 25 -10.27 0.17 -5.32
C LEU A 25 -11.66 -0.46 -5.21
N ALA A 26 -11.82 -1.46 -4.40
CA ALA A 26 -13.15 -2.12 -4.27
C ALA A 26 -14.15 -1.14 -3.65
N SER A 27 -13.69 -0.01 -3.18
CA SER A 27 -14.60 0.99 -2.57
C SER A 27 -14.55 2.30 -3.34
N ALA A 28 -14.14 2.26 -4.58
CA ALA A 28 -14.06 3.50 -5.39
C ALA A 28 -14.01 3.16 -6.89
N ASN A 29 -13.87 4.15 -7.73
CA ASN A 29 -13.82 3.88 -9.19
C ASN A 29 -12.37 3.93 -9.68
N LEU A 30 -11.86 2.82 -10.16
CA LEU A 30 -10.45 2.81 -10.65
C LEU A 30 -10.17 4.04 -11.51
N GLU A 31 -11.02 4.30 -12.48
CA GLU A 31 -10.80 5.49 -13.35
C GLU A 31 -10.75 6.76 -12.50
N GLU A 32 -11.30 6.72 -11.31
CA GLU A 32 -11.29 7.92 -10.44
C GLU A 32 -10.27 7.73 -9.30
N VAL A 33 -9.39 6.78 -9.43
CA VAL A 33 -8.38 6.56 -8.36
C VAL A 33 -7.01 7.08 -8.82
N THR A 34 -6.32 7.78 -7.96
CA THR A 34 -4.98 8.32 -8.35
C THR A 34 -3.92 7.87 -7.33
N MET A 35 -2.68 7.83 -7.74
CA MET A 35 -1.60 7.40 -6.81
C MET A 35 -1.72 8.15 -5.48
N LYS A 36 -2.25 9.35 -5.50
CA LYS A 36 -2.39 10.13 -4.25
C LYS A 36 -3.30 9.39 -3.26
N GLN A 37 -4.52 9.13 -3.64
CA GLN A 37 -5.45 8.41 -2.73
C GLN A 37 -4.85 7.07 -2.30
N ILE A 38 -4.09 6.44 -3.16
CA ILE A 38 -3.47 5.13 -2.79
C ILE A 38 -2.42 5.34 -1.70
N CYS A 39 -1.47 6.21 -1.93
CA CYS A 39 -0.41 6.45 -0.90
C CYS A 39 -1.04 6.97 0.39
N LYS A 40 -2.11 7.71 0.28
CA LYS A 40 -2.77 8.24 1.51
C LYS A 40 -3.39 7.11 2.32
N LYS A 41 -4.41 6.48 1.79
CA LYS A 41 -5.06 5.36 2.53
C LYS A 41 -4.02 4.29 2.88
N VAL A 42 -3.26 3.84 1.92
CA VAL A 42 -2.22 2.80 2.21
C VAL A 42 -1.46 3.17 3.47
N TYR A 43 -0.92 4.36 3.52
CA TYR A 43 -0.16 4.79 4.73
C TYR A 43 -1.05 4.63 5.97
N GLU A 44 -2.29 5.04 5.88
CA GLU A 44 -3.20 4.90 7.04
C GLU A 44 -3.04 3.50 7.65
N ASN A 45 -2.95 2.50 6.82
CA ASN A 45 -2.79 1.11 7.34
C ASN A 45 -1.32 0.84 7.67
N TYR A 46 -0.43 1.63 7.14
CA TYR A 46 1.02 1.43 7.42
C TYR A 46 1.69 2.75 7.81
N PRO A 47 1.09 3.41 8.77
CA PRO A 47 1.61 4.70 9.25
C PRO A 47 2.85 4.50 10.13
N THR A 48 2.77 3.62 11.10
CA THR A 48 3.93 3.38 11.99
C THR A 48 5.10 2.80 11.19
N TYR A 49 4.83 1.97 10.23
CA TYR A 49 5.94 1.36 9.42
C TYR A 49 6.46 2.38 8.41
N ASP A 50 7.72 2.32 8.09
CA ASP A 50 8.29 3.28 7.10
C ASP A 50 8.24 2.65 5.70
N LEU A 51 7.09 2.19 5.30
CA LEU A 51 6.96 1.56 3.96
C LEU A 51 7.79 2.31 2.91
N THR A 52 8.83 1.69 2.44
CA THR A 52 9.69 2.36 1.42
C THR A 52 9.68 1.54 0.13
N GLU A 53 10.16 0.32 0.20
CA GLU A 53 10.18 -0.55 -1.01
C GLU A 53 8.74 -0.92 -1.39
N ARG A 54 8.02 -1.55 -0.51
CA ARG A 54 6.61 -1.92 -0.82
C ARG A 54 5.80 -0.64 -1.08
N LYS A 55 6.19 0.44 -0.47
CA LYS A 55 5.46 1.72 -0.69
C LYS A 55 5.39 2.00 -2.20
N ASP A 56 6.51 2.09 -2.84
CA ASP A 56 6.51 2.34 -4.31
C ASP A 56 5.69 1.25 -4.99
N PHE A 57 5.73 0.06 -4.46
CA PHE A 57 4.95 -1.07 -5.06
C PHE A 57 3.45 -0.75 -4.94
N ILE A 58 3.04 -0.18 -3.84
CA ILE A 58 1.60 0.16 -3.67
C ILE A 58 1.15 1.09 -4.80
N LYS A 59 1.75 2.24 -4.90
CA LYS A 59 1.37 3.21 -5.97
C LYS A 59 1.30 2.49 -7.32
N THR A 60 2.26 1.65 -7.62
CA THR A 60 2.24 0.93 -8.91
C THR A 60 1.16 -0.16 -8.92
N THR A 61 0.79 -0.65 -7.77
CA THR A 61 -0.27 -1.71 -7.72
C THR A 61 -1.58 -1.17 -8.30
N VAL A 62 -1.98 -0.01 -7.87
CA VAL A 62 -3.26 0.58 -8.39
C VAL A 62 -3.05 1.07 -9.82
N LYS A 63 -2.10 1.94 -10.03
CA LYS A 63 -1.85 2.46 -11.40
C LYS A 63 -1.78 1.29 -12.38
N GLU A 64 -1.27 0.17 -11.95
CA GLU A 64 -1.18 -1.01 -12.86
C GLU A 64 -2.59 -1.56 -13.11
N LEU A 65 -3.41 -1.57 -12.10
CA LEU A 65 -4.80 -2.08 -12.28
C LEU A 65 -5.62 -1.02 -13.03
N ILE A 66 -5.14 0.20 -13.04
CA ILE A 66 -5.88 1.28 -13.76
C ILE A 66 -5.72 1.08 -15.27
N SER A 67 -4.60 0.59 -15.70
CA SER A 67 -4.38 0.37 -17.16
C SER A 67 -4.67 -1.09 -17.52
N LEU A 68 -4.35 -2.01 -16.66
CA LEU A 68 -4.61 -3.44 -16.95
C LEU A 68 -6.00 -3.84 -16.43
N GLU A 69 -6.46 -3.20 -15.39
CA GLU A 69 -7.80 -3.54 -14.84
C GLU A 69 -8.72 -2.32 -14.87
N HIS A 70 -8.52 -1.43 -15.81
CA HIS A 70 -9.38 -0.22 -15.88
C HIS A 70 -10.85 -0.60 -15.67
#